data_5W0A
#
_entry.id   5W0A
#
_cell.length_a   74.585
_cell.length_b   99.325
_cell.length_c   114.032
_cell.angle_alpha   90.00
_cell.angle_beta   90.00
_cell.angle_gamma   90.00
#
_symmetry.space_group_name_H-M   'P 21 21 21'
#
loop_
_entity.id
_entity.type
_entity.pdbx_description
1 polymer Glucanase
2 branched beta-D-mannopyranose-(1-4)-2-acetamido-2-deoxy-beta-D-glucopyranose-(1-4)-2-acetamido-2-deoxy-beta-D-glucopyranose
3 non-polymer 2-acetamido-2-deoxy-beta-D-glucopyranose
4 water water
#
_entity_poly.entity_id   1
_entity_poly.type   'polypeptide(L)'
_entity_poly.pdbx_seq_one_letter_code
;QQPGTSTPEVHPKLTTYKCTKSGGCVAQDTSVVLDWNYRWMHDKNFNSCTVNGGVNTTLCPDEATCGANCFIEGVDYAAS
GVTVSGSSLTMNQYMPSSSGGYSSVSPRLYLLGSDGDYELLQLNGQELSFDVDLSTLPCGENGALYLSEMAANGGANQYN
TAGANYGSGYCDAQCPVQTWKNGTLNTNHSGYCCNEMDILEANSRANAFTPHSCTATACDASGCGFNPYANGFQRYWGPG
FTLDTSKVFTIITQFNTDNGLPSGNLVSITRKYRQNGVDVPSAQSGGDTISSCPSASAYGGLTTMGKALANGMVLVFSIW
NDNGGNMNWLDSGNAGPCSSTEGNPSTIVANNPGTHVIFSNIRWGDIGSTTGG
;
_entity_poly.pdbx_strand_id   A,B
#
# COMPACT_ATOMS: atom_id res chain seq x y z
N GLN A 1 32.51 -6.34 2.19
CA GLN A 1 31.90 -7.51 2.78
C GLN A 1 31.73 -7.21 4.23
N GLN A 2 31.97 -5.95 4.54
CA GLN A 2 31.56 -5.42 5.82
C GLN A 2 30.66 -4.25 5.52
N PRO A 3 29.59 -4.08 6.31
CA PRO A 3 28.64 -3.00 6.04
C PRO A 3 29.30 -1.63 6.21
N GLY A 4 29.20 -0.79 5.18
CA GLY A 4 29.81 0.51 5.24
C GLY A 4 29.08 1.44 6.18
N THR A 5 29.77 2.49 6.60
CA THR A 5 29.24 3.47 7.54
C THR A 5 28.85 4.80 6.89
N SER A 6 29.13 4.98 5.59
CA SER A 6 28.90 6.27 4.93
C SER A 6 27.43 6.47 4.60
N THR A 7 26.79 5.46 3.99
CA THR A 7 25.38 5.48 3.66
C THR A 7 24.67 4.36 4.40
N PRO A 8 23.97 4.64 5.50
CA PRO A 8 23.33 3.56 6.24
C PRO A 8 22.30 2.90 5.35
N GLU A 9 22.23 1.55 5.43
CA GLU A 9 21.31 0.79 4.60
C GLU A 9 20.02 0.56 5.38
N VAL A 10 18.96 1.27 5.00
CA VAL A 10 17.66 1.15 5.64
C VAL A 10 16.71 0.50 4.62
N HIS A 11 16.27 -0.72 4.91
CA HIS A 11 15.41 -1.46 3.98
C HIS A 11 13.98 -0.96 4.08
N PRO A 12 13.36 -0.52 2.98
CA PRO A 12 11.97 -0.06 3.07
C PRO A 12 11.03 -1.22 3.36
N LYS A 13 10.19 -1.04 4.37
CA LYS A 13 9.31 -2.11 4.86
C LYS A 13 8.10 -2.25 3.95
N LEU A 14 7.80 -3.49 3.55
CA LEU A 14 6.70 -3.78 2.64
C LEU A 14 5.80 -4.83 3.30
N THR A 15 4.56 -4.46 3.57
CA THR A 15 3.69 -5.31 4.38
C THR A 15 3.22 -6.52 3.58
N THR A 16 3.58 -7.72 4.04
CA THR A 16 3.13 -8.96 3.44
C THR A 16 2.43 -9.83 4.48
N TYR A 17 1.68 -10.82 4.07
CA TYR A 17 0.90 -11.66 4.96
C TYR A 17 1.03 -13.08 4.61
N LYS A 18 1.06 -13.98 5.59
CA LYS A 18 1.00 -15.44 5.47
C LYS A 18 -0.36 -15.92 6.00
N CYS A 19 -1.08 -16.70 5.21
CA CYS A 19 -2.49 -16.95 5.47
C CYS A 19 -2.81 -18.44 5.55
N THR A 20 -3.48 -18.82 6.63
CA THR A 20 -3.98 -20.14 6.90
C THR A 20 -5.49 -20.16 6.71
N LYS A 21 -6.01 -21.33 6.31
CA LYS A 21 -7.45 -21.57 6.27
C LYS A 21 -8.13 -21.26 7.61
N SER A 22 -7.63 -21.85 8.71
CA SER A 22 -8.30 -21.69 10.00
C SER A 22 -7.81 -20.48 10.78
N GLY A 23 -6.50 -20.19 10.77
CA GLY A 23 -5.96 -19.08 11.52
C GLY A 23 -5.94 -17.74 10.81
N GLY A 24 -6.40 -17.67 9.56
CA GLY A 24 -6.48 -16.37 8.91
C GLY A 24 -5.10 -15.88 8.48
N CYS A 25 -5.02 -14.58 8.23
CA CYS A 25 -3.79 -13.98 7.73
C CYS A 25 -3.02 -13.32 8.87
N VAL A 26 -1.72 -13.59 8.91
CA VAL A 26 -0.83 -13.01 9.90
C VAL A 26 0.19 -12.15 9.14
N ALA A 27 0.37 -10.91 9.60
CA ALA A 27 1.30 -9.99 8.95
C ALA A 27 2.73 -10.40 9.24
N GLN A 28 3.61 -10.17 8.26
CA GLN A 28 5.05 -10.37 8.41
C GLN A 28 5.76 -9.02 8.44
N ASP A 29 6.89 -8.99 9.14
CA ASP A 29 7.72 -7.78 9.20
C ASP A 29 8.79 -7.85 8.11
N THR A 30 8.33 -7.81 6.87
CA THR A 30 9.19 -7.98 5.72
C THR A 30 9.55 -6.64 5.11
N SER A 31 10.78 -6.53 4.61
CA SER A 31 11.23 -5.36 3.89
C SER A 31 11.77 -5.78 2.52
N VAL A 32 12.28 -4.83 1.75
CA VAL A 32 12.91 -5.12 0.46
C VAL A 32 14.34 -4.62 0.49
N VAL A 33 15.23 -5.36 -0.16
CA VAL A 33 16.62 -4.98 -0.23
C VAL A 33 17.07 -5.03 -1.69
N LEU A 34 17.86 -4.04 -2.09
CA LEU A 34 18.32 -3.92 -3.47
C LEU A 34 19.54 -4.79 -3.68
N ASP A 35 19.71 -5.24 -4.92
CA ASP A 35 20.71 -6.26 -5.22
C ASP A 35 22.15 -5.80 -4.92
N TRP A 36 22.98 -6.79 -4.61
CA TRP A 36 24.40 -6.58 -4.31
C TRP A 36 25.10 -5.72 -5.35
N ASN A 37 24.97 -6.07 -6.63
CA ASN A 37 25.78 -5.42 -7.67
C ASN A 37 25.39 -3.98 -7.90
N TYR A 38 24.18 -3.58 -7.50
CA TYR A 38 23.77 -2.19 -7.62
C TYR A 38 24.51 -1.28 -6.67
N ARG A 39 25.24 -1.83 -5.71
CA ARG A 39 25.79 -1.02 -4.64
C ARG A 39 27.22 -0.59 -4.93
N TRP A 40 27.60 0.49 -4.28
CA TRP A 40 28.97 0.96 -4.33
C TRP A 40 29.77 0.30 -3.20
N MET A 41 30.94 -0.23 -3.53
CA MET A 41 31.84 -0.86 -2.57
C MET A 41 33.18 -0.13 -2.60
N HIS A 42 33.76 0.13 -1.42
CA HIS A 42 34.97 0.95 -1.35
C HIS A 42 35.90 0.44 -0.26
N ASP A 43 37.05 1.12 -0.17
CA ASP A 43 38.17 0.90 0.73
C ASP A 43 37.91 1.60 2.06
N LYS A 44 38.89 1.60 2.97
CA LYS A 44 38.83 2.51 4.12
C LYS A 44 39.21 3.93 3.72
N ASN A 45 39.87 4.09 2.57
CA ASN A 45 40.25 5.39 2.05
C ASN A 45 39.34 5.84 0.90
N PHE A 46 38.25 5.11 0.64
CA PHE A 46 37.28 5.41 -0.41
C PHE A 46 37.81 5.12 -1.81
N ASN A 47 38.75 4.18 -1.93
CA ASN A 47 39.06 3.59 -3.22
C ASN A 47 38.13 2.41 -3.45
N SER A 48 37.52 2.34 -4.64
CA SER A 48 36.49 1.33 -4.78
C SER A 48 37.12 -0.05 -4.92
N CYS A 49 36.36 -1.05 -4.49
CA CYS A 49 36.76 -2.45 -4.65
C CYS A 49 36.26 -3.03 -5.95
N THR A 50 35.15 -2.52 -6.47
CA THR A 50 34.63 -2.90 -7.78
C THR A 50 35.15 -1.99 -8.88
N VAL A 51 35.33 -2.57 -10.08
CA VAL A 51 35.62 -1.82 -11.31
C VAL A 51 34.99 -2.54 -12.51
N ASN A 52 33.90 -1.96 -13.03
CA ASN A 52 33.26 -2.44 -14.26
C ASN A 52 32.77 -3.88 -14.16
N GLY A 53 32.03 -4.18 -13.10
CA GLY A 53 31.51 -5.52 -12.93
C GLY A 53 32.62 -6.55 -12.84
N GLY A 54 33.55 -6.30 -11.93
CA GLY A 54 34.71 -7.13 -11.72
C GLY A 54 35.50 -6.45 -10.63
N VAL A 55 36.06 -7.23 -9.70
CA VAL A 55 36.67 -6.61 -8.54
C VAL A 55 37.94 -5.86 -8.97
N ASN A 56 38.46 -5.00 -8.08
CA ASN A 56 39.67 -4.23 -8.26
C ASN A 56 40.74 -5.12 -7.65
N THR A 57 41.49 -5.84 -8.50
CA THR A 57 42.41 -6.87 -8.05
C THR A 57 43.47 -6.32 -7.10
N THR A 58 43.70 -5.00 -7.11
CA THR A 58 44.65 -4.43 -6.17
C THR A 58 44.14 -4.59 -4.75
N LEU A 59 42.81 -4.54 -4.56
CA LEU A 59 42.19 -4.58 -3.24
C LEU A 59 41.64 -5.94 -2.85
N CYS A 60 41.20 -6.77 -3.81
CA CYS A 60 40.66 -8.11 -3.53
C CYS A 60 41.41 -9.19 -4.29
N PRO A 61 42.70 -9.40 -4.01
CA PRO A 61 43.39 -10.55 -4.60
C PRO A 61 42.85 -11.85 -4.07
N ASP A 62 42.61 -11.75 -2.77
CA ASP A 62 42.07 -12.79 -1.96
C ASP A 62 40.68 -12.46 -1.56
N GLU A 63 40.06 -13.40 -0.92
CA GLU A 63 38.76 -13.24 -0.43
C GLU A 63 38.91 -12.96 1.01
N ALA A 64 40.09 -13.18 1.56
CA ALA A 64 40.27 -12.88 2.94
C ALA A 64 40.61 -11.44 2.93
N THR A 65 41.58 -11.11 2.09
CA THR A 65 41.98 -9.74 1.81
C THR A 65 40.78 -8.86 1.49
N CYS A 66 39.89 -9.38 0.64
CA CYS A 66 38.74 -8.61 0.19
C CYS A 66 37.72 -8.49 1.31
N GLY A 67 37.59 -9.52 2.15
CA GLY A 67 36.78 -9.34 3.33
C GLY A 67 37.31 -8.24 4.25
N ALA A 68 38.64 -8.16 4.40
CA ALA A 68 39.21 -7.21 5.34
C ALA A 68 39.15 -5.77 4.84
N ASN A 69 39.48 -5.54 3.58
CA ASN A 69 39.64 -4.17 3.12
C ASN A 69 38.36 -3.48 2.68
N CYS A 70 37.32 -4.22 2.30
CA CYS A 70 36.22 -3.67 1.51
C CYS A 70 34.95 -3.50 2.33
N PHE A 71 34.21 -2.43 2.01
CA PHE A 71 32.98 -2.04 2.69
C PHE A 71 31.95 -1.68 1.63
N ILE A 72 30.81 -2.37 1.63
CA ILE A 72 29.75 -2.15 0.64
C ILE A 72 28.67 -1.29 1.27
N GLU A 73 28.16 -0.32 0.52
CA GLU A 73 27.40 0.79 1.10
C GLU A 73 25.89 0.63 0.93
N GLY A 74 25.16 1.44 1.68
CA GLY A 74 23.71 1.55 1.55
C GLY A 74 23.30 2.28 0.29
N VAL A 75 22.00 2.43 0.13
CA VAL A 75 21.38 2.80 -1.13
C VAL A 75 20.27 3.80 -0.85
N ASP A 76 20.14 4.81 -1.74
CA ASP A 76 18.97 5.69 -1.79
C ASP A 76 17.90 4.96 -2.58
N TYR A 77 16.95 4.33 -1.89
CA TYR A 77 16.01 3.47 -2.58
C TYR A 77 15.13 4.27 -3.55
N ALA A 78 14.72 5.48 -3.17
CA ALA A 78 13.94 6.27 -4.12
C ALA A 78 14.77 6.61 -5.35
N ALA A 79 16.05 6.96 -5.13
CA ALA A 79 16.94 7.20 -6.25
C ALA A 79 17.07 5.99 -7.14
N SER A 80 16.90 4.79 -6.57
CA SER A 80 17.12 3.55 -7.29
C SER A 80 15.92 3.07 -8.05
N GLY A 81 14.82 3.84 -8.01
CA GLY A 81 13.56 3.47 -8.62
C GLY A 81 12.54 2.81 -7.70
N VAL A 82 12.89 2.61 -6.43
CA VAL A 82 12.04 1.88 -5.49
C VAL A 82 11.30 2.86 -4.58
N THR A 83 9.97 2.82 -4.56
CA THR A 83 9.21 3.55 -3.53
C THR A 83 8.19 2.62 -2.94
N VAL A 84 8.01 2.67 -1.63
CA VAL A 84 7.20 1.70 -0.89
C VAL A 84 6.26 2.43 0.07
N SER A 85 5.09 1.86 0.27
CA SER A 85 4.14 2.40 1.24
C SER A 85 3.10 1.33 1.53
N GLY A 86 2.96 0.96 2.79
CA GLY A 86 1.96 -0.02 3.18
C GLY A 86 2.32 -1.34 2.54
N SER A 87 1.34 -1.94 1.87
CA SER A 87 1.56 -3.19 1.14
C SER A 87 2.05 -2.96 -0.29
N SER A 88 2.29 -1.72 -0.70
CA SER A 88 2.48 -1.39 -2.09
C SER A 88 3.93 -1.03 -2.37
N LEU A 89 4.45 -1.54 -3.49
CA LEU A 89 5.82 -1.33 -3.92
C LEU A 89 5.82 -0.91 -5.39
N THR A 90 6.32 0.28 -5.66
CA THR A 90 6.38 0.84 -7.00
C THR A 90 7.81 0.82 -7.49
N MET A 91 8.01 0.24 -8.67
CA MET A 91 9.33 0.08 -9.27
C MET A 91 9.37 0.76 -10.63
N ASN A 92 10.38 1.61 -10.81
CA ASN A 92 10.50 2.46 -11.98
C ASN A 92 11.64 1.93 -12.83
N GLN A 93 11.38 1.77 -14.13
CA GLN A 93 12.44 1.39 -15.07
C GLN A 93 13.46 2.50 -15.25
N TYR A 94 13.03 3.76 -15.16
CA TYR A 94 13.92 4.90 -15.36
C TYR A 94 13.73 5.93 -14.25
N MET A 95 14.79 6.69 -14.02
CA MET A 95 14.84 7.80 -13.08
C MET A 95 15.50 9.00 -13.74
N PRO A 96 15.07 10.22 -13.43
CA PRO A 96 15.68 11.41 -14.03
C PRO A 96 17.20 11.47 -13.84
N SER A 97 17.87 11.91 -14.91
CA SER A 97 19.32 12.10 -14.90
C SER A 97 19.65 13.56 -14.64
N SER A 98 20.57 13.79 -13.70
CA SER A 98 21.09 15.14 -13.51
C SER A 98 21.59 15.71 -14.83
N SER A 99 22.24 14.88 -15.64
CA SER A 99 22.74 15.25 -16.96
C SER A 99 21.63 15.31 -18.02
N GLY A 100 20.37 15.51 -17.60
CA GLY A 100 19.31 15.91 -18.50
C GLY A 100 18.48 14.80 -19.10
N GLY A 101 19.02 13.60 -19.20
CA GLY A 101 18.26 12.51 -19.78
C GLY A 101 17.52 11.68 -18.73
N TYR A 102 17.49 10.37 -18.96
CA TYR A 102 16.94 9.43 -17.99
C TYR A 102 17.95 8.31 -17.77
N SER A 103 18.43 8.17 -16.54
CA SER A 103 19.21 6.98 -16.18
C SER A 103 18.30 5.75 -16.14
N SER A 104 18.86 4.60 -16.49
CA SER A 104 18.10 3.35 -16.50
C SER A 104 18.40 2.52 -15.26
N VAL A 105 18.07 3.07 -14.09
CA VAL A 105 18.05 2.26 -12.86
C VAL A 105 17.06 1.13 -13.04
N SER A 106 17.48 -0.09 -12.82
CA SER A 106 16.67 -1.24 -13.20
C SER A 106 16.55 -2.16 -12.01
N PRO A 107 15.75 -1.78 -11.00
CA PRO A 107 15.86 -2.36 -9.66
C PRO A 107 15.64 -3.86 -9.64
N ARG A 108 16.44 -4.56 -8.84
CA ARG A 108 16.12 -5.92 -8.46
C ARG A 108 16.10 -5.98 -6.93
N LEU A 109 14.94 -6.34 -6.38
CA LEU A 109 14.69 -6.36 -4.95
C LEU A 109 14.49 -7.79 -4.48
N TYR A 110 14.77 -8.02 -3.20
CA TYR A 110 14.44 -9.28 -2.54
C TYR A 110 13.63 -9.01 -1.28
N LEU A 111 12.80 -9.97 -0.95
CA LEU A 111 12.03 -9.91 0.26
C LEU A 111 12.84 -10.40 1.42
N LEU A 112 13.07 -9.48 2.29
CA LEU A 112 13.92 -9.69 3.45
C LEU A 112 13.11 -9.76 4.73
N GLY A 113 13.53 -10.61 5.66
CA GLY A 113 12.83 -10.77 6.92
C GLY A 113 13.44 -9.91 8.02
N SER A 114 12.81 -10.01 9.21
CA SER A 114 13.23 -9.21 10.37
C SER A 114 14.67 -9.49 10.80
N ASP A 115 15.07 -10.77 10.86
CA ASP A 115 16.39 -11.24 11.28
C ASP A 115 17.54 -10.81 10.33
N GLY A 116 17.26 -10.14 9.21
CA GLY A 116 18.26 -9.84 8.21
C GLY A 116 18.60 -10.94 7.22
N ASP A 117 17.91 -12.06 7.28
CA ASP A 117 17.96 -13.07 6.23
C ASP A 117 16.75 -12.92 5.32
N TYR A 118 16.86 -13.44 4.12
CA TYR A 118 15.73 -13.45 3.21
C TYR A 118 14.55 -14.26 3.76
N GLU A 119 13.38 -13.76 3.57
CA GLU A 119 12.22 -14.46 3.91
C GLU A 119 12.00 -15.57 2.91
N LEU A 120 12.24 -16.80 3.25
CA LEU A 120 11.97 -17.90 2.33
C LEU A 120 10.50 -18.25 2.35
N LEU A 121 9.94 -18.41 1.16
CA LEU A 121 8.53 -18.66 0.95
C LEU A 121 8.43 -20.14 0.58
N GLN A 122 7.78 -20.93 1.41
CA GLN A 122 7.53 -22.33 1.08
C GLN A 122 6.18 -22.44 0.37
N LEU A 123 6.21 -22.76 -0.93
CA LEU A 123 5.01 -22.65 -1.77
C LEU A 123 4.55 -23.97 -2.40
N ASN A 124 5.29 -25.05 -2.25
CA ASN A 124 4.76 -26.33 -2.66
C ASN A 124 3.49 -26.62 -1.89
N GLY A 125 2.42 -26.99 -2.61
CA GLY A 125 1.13 -27.22 -1.98
C GLY A 125 0.50 -25.96 -1.40
N GLN A 126 0.84 -24.80 -1.95
CA GLN A 126 0.48 -23.51 -1.38
C GLN A 126 0.22 -22.54 -2.53
N GLU A 127 -0.29 -21.35 -2.20
CA GLU A 127 -0.63 -20.36 -3.22
C GLU A 127 -0.02 -19.02 -2.84
N LEU A 128 0.26 -18.20 -3.85
CA LEU A 128 0.74 -16.85 -3.65
C LEU A 128 -0.07 -15.91 -4.52
N SER A 129 -0.70 -14.92 -3.91
CA SER A 129 -1.48 -13.95 -4.66
C SER A 129 -0.95 -12.55 -4.41
N PHE A 130 -1.04 -11.71 -5.45
CA PHE A 130 -0.76 -10.29 -5.31
C PHE A 130 -1.62 -9.51 -6.30
N ASP A 131 -1.63 -8.20 -6.13
CA ASP A 131 -2.23 -7.26 -7.06
C ASP A 131 -1.11 -6.61 -7.85
N VAL A 132 -1.40 -6.27 -9.09
CA VAL A 132 -0.40 -5.63 -9.91
C VAL A 132 -1.04 -4.52 -10.72
N ASP A 133 -0.21 -3.52 -11.02
CA ASP A 133 -0.49 -2.43 -11.96
C ASP A 133 0.64 -2.41 -12.99
N LEU A 134 0.35 -2.86 -14.21
CA LEU A 134 1.31 -2.81 -15.31
C LEU A 134 0.82 -1.94 -16.47
N SER A 135 -0.26 -1.18 -16.25
CA SER A 135 -0.80 -0.36 -17.33
C SER A 135 0.27 0.47 -18.02
N THR A 136 1.20 1.02 -17.26
CA THR A 136 2.18 1.90 -17.86
C THR A 136 3.40 1.16 -18.41
N LEU A 137 3.38 -0.18 -18.49
CA LEU A 137 4.50 -0.93 -19.06
C LEU A 137 4.19 -1.32 -20.50
N PRO A 138 4.87 -0.75 -21.47
CA PRO A 138 4.58 -1.07 -22.86
C PRO A 138 5.36 -2.27 -23.35
N CYS A 139 5.34 -2.51 -24.67
CA CYS A 139 6.11 -3.59 -25.26
C CYS A 139 7.58 -3.49 -24.90
N GLY A 140 8.21 -4.65 -24.76
CA GLY A 140 9.63 -4.73 -24.48
C GLY A 140 10.01 -4.48 -23.04
N GLU A 141 9.03 -4.22 -22.16
CA GLU A 141 9.26 -4.00 -20.74
C GLU A 141 8.92 -5.28 -19.97
N ASN A 142 9.69 -5.57 -18.92
CA ASN A 142 9.47 -6.76 -18.09
C ASN A 142 9.26 -6.34 -16.64
N GLY A 143 8.00 -6.32 -16.24
CA GLY A 143 7.66 -6.26 -14.84
C GLY A 143 7.63 -7.69 -14.34
N ALA A 144 8.43 -8.00 -13.32
CA ALA A 144 8.72 -9.38 -12.96
C ALA A 144 8.60 -9.59 -11.46
N LEU A 145 7.94 -10.66 -11.07
CA LEU A 145 7.84 -11.11 -9.69
C LEU A 145 8.11 -12.60 -9.74
N TYR A 146 9.20 -13.05 -9.15
CA TYR A 146 9.57 -14.44 -9.28
C TYR A 146 10.18 -14.93 -7.98
N LEU A 147 10.69 -16.16 -7.99
CA LEU A 147 11.35 -16.76 -6.83
C LEU A 147 12.64 -17.46 -7.26
N SER A 148 13.66 -17.45 -6.38
CA SER A 148 14.91 -18.15 -6.66
C SER A 148 15.41 -18.83 -5.38
N GLU A 149 15.90 -20.07 -5.50
CA GLU A 149 16.38 -20.82 -4.34
C GLU A 149 17.78 -20.33 -3.94
N MET A 150 17.82 -19.08 -3.50
CA MET A 150 19.08 -18.54 -3.01
C MET A 150 19.19 -18.79 -1.51
N ALA A 151 20.39 -18.76 -0.98
CA ALA A 151 20.57 -19.02 0.40
C ALA A 151 19.91 -17.97 1.21
N ALA A 152 19.35 -18.34 2.31
CA ALA A 152 18.58 -17.36 3.07
C ALA A 152 19.49 -16.26 3.60
N ASN A 153 20.70 -16.61 4.03
CA ASN A 153 21.63 -15.59 4.52
C ASN A 153 22.36 -14.89 3.39
N GLY A 154 21.97 -15.17 2.15
CA GLY A 154 22.60 -14.54 1.01
C GLY A 154 24.00 -15.01 0.74
N GLY A 155 24.45 -15.99 1.46
CA GLY A 155 25.78 -16.43 1.26
C GLY A 155 26.81 -15.84 2.15
N ALA A 156 26.40 -15.16 3.18
CA ALA A 156 27.27 -14.60 4.12
C ALA A 156 28.16 -15.63 4.77
N ASN A 157 29.38 -15.26 5.06
CA ASN A 157 30.37 -16.18 5.62
C ASN A 157 31.28 -15.38 6.52
N GLN A 158 32.46 -15.95 6.85
CA GLN A 158 33.37 -15.27 7.76
C GLN A 158 33.96 -14.03 7.11
N TYR A 159 34.13 -14.09 5.80
CA TYR A 159 34.70 -12.99 5.06
C TYR A 159 33.67 -12.04 4.48
N ASN A 160 32.38 -12.36 4.56
CA ASN A 160 31.32 -11.47 4.10
C ASN A 160 30.28 -11.33 5.23
N THR A 161 30.36 -10.21 5.95
CA THR A 161 29.39 -9.89 6.99
C THR A 161 28.23 -9.06 6.46
N ALA A 162 28.26 -8.67 5.19
CA ALA A 162 27.15 -7.89 4.64
C ALA A 162 25.97 -8.79 4.31
N GLY A 163 26.20 -9.80 3.46
CA GLY A 163 25.20 -10.80 3.20
C GLY A 163 23.90 -10.23 2.64
N ALA A 164 22.79 -10.90 3.03
CA ALA A 164 21.47 -10.59 2.46
C ALA A 164 21.05 -9.16 2.74
N ASN A 165 21.57 -8.48 3.74
CA ASN A 165 21.13 -7.15 3.98
C ASN A 165 21.58 -6.27 2.97
N TYR A 166 22.40 -6.76 2.09
CA TYR A 166 22.89 -6.02 0.94
C TYR A 166 22.66 -6.81 -0.34
N GLY A 167 21.64 -7.65 -0.37
CA GLY A 167 21.29 -8.34 -1.59
C GLY A 167 22.29 -9.36 -2.07
N SER A 168 22.97 -10.06 -1.16
CA SER A 168 24.03 -10.96 -1.58
C SER A 168 23.48 -12.25 -2.13
N GLY A 169 24.25 -12.86 -3.03
CA GLY A 169 24.05 -14.24 -3.42
C GLY A 169 22.98 -14.52 -4.43
N TYR A 170 22.77 -13.65 -5.40
CA TYR A 170 21.73 -13.90 -6.38
C TYR A 170 22.06 -15.11 -7.23
N CYS A 171 21.01 -15.87 -7.58
CA CYS A 171 21.10 -16.92 -8.61
C CYS A 171 19.74 -17.03 -9.30
N ASP A 172 19.79 -17.58 -10.49
CA ASP A 172 18.64 -17.82 -11.26
C ASP A 172 18.81 -19.03 -12.14
N ALA A 173 17.87 -19.28 -13.01
CA ALA A 173 17.95 -20.43 -13.87
C ALA A 173 18.74 -20.25 -15.15
N GLN A 174 19.31 -19.07 -15.32
CA GLN A 174 20.15 -18.79 -16.41
C GLN A 174 21.58 -18.85 -16.02
N CYS A 175 21.84 -19.36 -14.84
CA CYS A 175 23.12 -19.54 -14.25
C CYS A 175 24.13 -18.52 -14.53
N PRO A 176 23.90 -17.32 -14.08
CA PRO A 176 24.77 -16.18 -14.23
C PRO A 176 26.08 -16.22 -13.50
N VAL A 177 27.13 -15.76 -14.13
CA VAL A 177 28.40 -15.74 -13.43
C VAL A 177 28.49 -14.38 -12.76
N GLN A 178 28.28 -14.39 -11.45
CA GLN A 178 28.30 -13.19 -10.64
C GLN A 178 29.71 -12.96 -10.11
N THR A 179 30.07 -11.74 -9.90
CA THR A 179 31.38 -11.42 -9.38
C THR A 179 31.60 -11.96 -7.99
N TRP A 180 30.54 -12.22 -7.25
CA TRP A 180 30.58 -12.84 -5.97
C TRP A 180 29.56 -13.92 -6.15
N LYS A 181 29.97 -15.16 -6.21
CA LYS A 181 29.05 -16.23 -6.40
C LYS A 181 28.67 -16.75 -5.08
N ASN A 182 27.50 -16.40 -4.64
CA ASN A 182 26.97 -16.76 -3.36
C ASN A 182 27.71 -16.25 -2.21
N GLY A 183 28.05 -14.99 -2.22
CA GLY A 183 28.73 -14.43 -1.10
C GLY A 183 30.21 -14.43 -1.03
N THR A 184 30.84 -15.03 -1.99
CA THR A 184 32.24 -15.05 -2.00
C THR A 184 32.72 -14.93 -3.39
N LEU A 185 33.85 -14.25 -3.52
CA LEU A 185 34.46 -13.98 -4.82
C LEU A 185 34.45 -15.19 -5.72
N ASN A 186 33.92 -15.00 -6.92
CA ASN A 186 34.02 -16.01 -7.96
C ASN A 186 35.40 -15.88 -8.59
N THR A 187 36.38 -16.56 -7.98
CA THR A 187 37.70 -16.63 -8.62
C THR A 187 37.66 -17.54 -9.82
N ASN A 188 36.84 -18.57 -9.75
CA ASN A 188 36.70 -19.55 -10.80
C ASN A 188 35.92 -18.98 -11.99
N HIS A 189 35.24 -17.84 -11.77
CA HIS A 189 34.26 -17.26 -12.72
C HIS A 189 33.18 -18.28 -13.10
N SER A 190 32.65 -18.96 -12.10
CA SER A 190 31.62 -19.98 -12.29
C SER A 190 30.24 -19.35 -12.45
N GLY A 191 29.29 -20.14 -12.88
CA GLY A 191 27.92 -19.70 -12.99
C GLY A 191 27.09 -20.20 -11.83
N TYR A 192 26.12 -19.45 -11.36
CA TYR A 192 25.37 -19.87 -10.23
C TYR A 192 23.97 -20.21 -10.62
N CYS A 193 23.65 -21.47 -10.61
CA CYS A 193 22.37 -21.96 -10.97
C CYS A 193 21.61 -22.35 -9.81
N CYS A 194 20.32 -22.14 -9.87
CA CYS A 194 19.39 -22.55 -8.83
C CYS A 194 17.98 -22.53 -9.42
N ASN A 195 17.09 -23.28 -8.80
CA ASN A 195 15.73 -23.37 -9.33
C ASN A 195 15.06 -22.00 -9.28
N GLU A 196 14.25 -21.72 -10.30
CA GLU A 196 13.67 -20.38 -10.42
C GLU A 196 12.23 -20.54 -10.89
N MET A 197 11.29 -20.07 -10.07
CA MET A 197 9.88 -19.98 -10.45
C MET A 197 9.55 -18.53 -10.76
N ASP A 198 9.08 -18.28 -11.98
CA ASP A 198 8.70 -16.96 -12.47
C ASP A 198 7.19 -16.88 -12.39
N ILE A 199 6.66 -16.11 -11.49
CA ILE A 199 5.24 -15.99 -11.36
C ILE A 199 4.76 -15.02 -12.36
N LEU A 200 5.48 -13.96 -12.50
CA LEU A 200 5.07 -12.94 -13.45
C LEU A 200 6.28 -12.40 -14.18
N GLU A 201 6.24 -12.45 -15.50
CA GLU A 201 7.12 -11.70 -16.41
C GLU A 201 6.16 -11.12 -17.44
N ALA A 202 5.89 -9.82 -17.36
CA ALA A 202 4.77 -9.33 -18.13
C ALA A 202 4.86 -7.82 -18.33
N ASN A 203 4.02 -7.35 -19.25
CA ASN A 203 3.67 -5.96 -19.41
C ASN A 203 2.20 -5.91 -19.84
N SER A 204 1.71 -4.71 -20.18
CA SER A 204 0.28 -4.57 -20.48
C SER A 204 -0.15 -5.28 -21.77
N ARG A 205 0.78 -5.89 -22.51
CA ARG A 205 0.48 -6.53 -23.78
C ARG A 205 0.59 -8.06 -23.73
N ALA A 206 1.50 -8.60 -22.93
CA ALA A 206 1.70 -10.05 -22.89
C ALA A 206 2.26 -10.48 -21.53
N ASN A 207 2.17 -11.74 -21.21
CA ASN A 207 2.69 -12.27 -19.98
C ASN A 207 3.02 -13.72 -19.95
N ALA A 208 3.87 -14.16 -19.08
CA ALA A 208 4.15 -15.56 -18.93
C ALA A 208 4.56 -15.94 -17.55
N PHE A 209 4.16 -17.10 -17.08
CA PHE A 209 4.64 -17.68 -15.86
C PHE A 209 5.40 -18.88 -16.23
N THR A 210 6.64 -19.02 -15.76
CA THR A 210 7.49 -20.12 -16.17
C THR A 210 8.14 -20.78 -14.97
N PRO A 211 8.06 -22.09 -14.83
CA PRO A 211 8.96 -22.80 -13.90
C PRO A 211 10.23 -23.24 -14.63
N HIS A 212 11.37 -23.10 -14.00
CA HIS A 212 12.61 -23.60 -14.51
C HIS A 212 13.22 -24.43 -13.46
N SER A 213 13.28 -25.74 -13.65
CA SER A 213 13.84 -26.73 -12.74
C SER A 213 15.31 -26.89 -13.04
N CYS A 214 16.05 -27.31 -12.02
CA CYS A 214 17.51 -27.38 -12.12
C CYS A 214 18.02 -28.61 -11.40
N THR A 215 19.06 -29.22 -11.98
CA THR A 215 19.92 -30.09 -11.19
C THR A 215 20.87 -29.19 -10.39
N ALA A 216 21.80 -29.80 -9.66
CA ALA A 216 22.82 -29.00 -8.98
C ALA A 216 23.76 -28.33 -9.98
N THR A 217 23.94 -28.97 -11.15
CA THR A 217 24.88 -28.53 -12.18
C THR A 217 24.35 -27.41 -13.04
N ALA A 218 23.14 -27.59 -13.60
CA ALA A 218 22.64 -26.74 -14.67
C ALA A 218 21.13 -26.67 -14.59
N CYS A 219 20.55 -25.81 -15.44
CA CYS A 219 19.14 -25.49 -15.38
C CYS A 219 18.50 -25.59 -16.75
N ASP A 220 17.17 -25.64 -16.73
CA ASP A 220 16.34 -25.56 -17.92
C ASP A 220 16.13 -24.07 -18.21
N ALA A 221 17.08 -23.48 -18.95
CA ALA A 221 17.16 -22.01 -19.03
C ALA A 221 15.88 -21.39 -19.56
N SER A 222 15.27 -22.00 -20.56
CA SER A 222 13.96 -21.60 -21.05
C SER A 222 12.96 -22.68 -20.63
N GLY A 223 12.17 -22.40 -19.61
CA GLY A 223 11.25 -23.39 -19.10
C GLY A 223 10.03 -23.66 -19.98
N CYS A 224 9.01 -24.28 -19.39
CA CYS A 224 7.75 -24.54 -20.08
C CYS A 224 6.77 -23.40 -19.77
N GLY A 225 7.07 -22.23 -20.34
CA GLY A 225 6.28 -21.04 -20.06
C GLY A 225 4.83 -21.16 -20.49
N PHE A 226 3.99 -20.33 -19.89
CA PHE A 226 2.55 -20.28 -20.20
C PHE A 226 2.18 -18.84 -20.52
N ASN A 227 2.06 -18.57 -21.81
CA ASN A 227 1.63 -17.29 -22.36
C ASN A 227 0.27 -17.49 -23.00
N PRO A 228 -0.78 -16.76 -22.60
CA PRO A 228 -2.10 -17.04 -23.18
C PRO A 228 -2.19 -16.72 -24.68
N TYR A 229 -1.59 -15.61 -25.11
CA TYR A 229 -1.51 -15.30 -26.55
C TYR A 229 -0.84 -16.45 -27.29
N ALA A 230 0.30 -16.92 -26.79
CA ALA A 230 1.03 -17.99 -27.46
C ALA A 230 0.26 -19.31 -27.49
N ASN A 231 -0.72 -19.47 -26.62
CA ASN A 231 -1.56 -20.66 -26.64
C ASN A 231 -2.84 -20.44 -27.42
N GLY A 232 -2.98 -19.30 -28.09
CA GLY A 232 -4.06 -19.06 -29.00
C GLY A 232 -5.05 -17.99 -28.57
N PHE A 233 -5.08 -17.62 -27.29
CA PHE A 233 -6.08 -16.69 -26.77
C PHE A 233 -5.49 -15.30 -26.76
N GLN A 234 -5.49 -14.69 -27.96
CA GLN A 234 -4.70 -13.48 -28.18
C GLN A 234 -5.35 -12.24 -27.61
N ARG A 235 -6.67 -12.20 -27.53
CA ARG A 235 -7.32 -11.01 -27.01
C ARG A 235 -7.90 -11.28 -25.62
N TYR A 236 -7.20 -12.15 -24.90
CA TYR A 236 -7.48 -12.42 -23.50
C TYR A 236 -6.79 -11.40 -22.60
N TRP A 237 -5.53 -11.11 -22.85
CA TRP A 237 -4.73 -10.27 -21.98
C TRP A 237 -4.37 -9.01 -22.75
N GLY A 238 -4.79 -7.85 -22.24
CA GLY A 238 -4.49 -6.58 -22.85
C GLY A 238 -5.45 -5.49 -22.42
N PRO A 239 -5.21 -4.26 -22.87
CA PRO A 239 -6.11 -3.14 -22.49
C PRO A 239 -7.52 -3.33 -23.03
N GLY A 240 -8.48 -3.36 -22.11
CA GLY A 240 -9.87 -3.63 -22.45
C GLY A 240 -10.20 -5.08 -22.64
N PHE A 241 -9.22 -5.98 -22.58
CA PHE A 241 -9.46 -7.39 -22.91
C PHE A 241 -10.16 -8.07 -21.74
N THR A 242 -10.35 -9.40 -21.84
CA THR A 242 -11.00 -10.16 -20.78
C THR A 242 -10.37 -9.86 -19.42
N LEU A 243 -9.05 -9.88 -19.35
CA LEU A 243 -8.32 -9.32 -18.21
C LEU A 243 -7.79 -7.94 -18.62
N ASP A 244 -8.41 -6.89 -18.10
CA ASP A 244 -8.06 -5.52 -18.47
C ASP A 244 -6.74 -5.12 -17.83
N THR A 245 -5.66 -5.07 -18.63
CA THR A 245 -4.37 -4.69 -18.09
C THR A 245 -4.23 -3.19 -17.88
N SER A 246 -5.22 -2.38 -18.29
CA SER A 246 -5.13 -0.94 -18.05
C SER A 246 -5.53 -0.57 -16.63
N LYS A 247 -6.22 -1.47 -15.94
CA LYS A 247 -6.59 -1.29 -14.54
C LYS A 247 -5.81 -2.30 -13.68
N VAL A 248 -5.86 -2.09 -12.36
CA VAL A 248 -5.23 -3.01 -11.42
C VAL A 248 -5.91 -4.36 -11.50
N PHE A 249 -5.16 -5.45 -11.27
CA PHE A 249 -5.83 -6.75 -11.20
C PHE A 249 -5.10 -7.67 -10.23
N THR A 250 -5.68 -8.84 -9.99
CA THR A 250 -5.25 -9.75 -8.95
C THR A 250 -4.82 -11.07 -9.57
N ILE A 251 -3.63 -11.53 -9.19
CA ILE A 251 -2.97 -12.70 -9.74
C ILE A 251 -2.81 -13.72 -8.62
N ILE A 252 -3.40 -14.90 -8.83
CA ILE A 252 -3.32 -16.01 -7.91
C ILE A 252 -2.57 -17.14 -8.59
N THR A 253 -1.48 -17.58 -7.98
CA THR A 253 -0.71 -18.71 -8.48
C THR A 253 -0.78 -19.83 -7.47
N GLN A 254 -1.20 -21.00 -7.91
CA GLN A 254 -1.49 -22.11 -7.02
C GLN A 254 -0.63 -23.31 -7.37
N PHE A 255 0.12 -23.83 -6.40
CA PHE A 255 1.10 -24.89 -6.62
C PHE A 255 0.49 -26.18 -6.09
N ASN A 256 -0.15 -26.93 -6.99
CA ASN A 256 -0.94 -28.11 -6.64
C ASN A 256 -0.08 -29.37 -6.58
N THR A 257 -0.31 -30.17 -5.52
CA THR A 257 0.44 -31.38 -5.19
C THR A 257 -0.48 -32.61 -5.12
N ASP A 258 0.11 -33.77 -5.39
CA ASP A 258 -0.66 -35.02 -5.45
C ASP A 258 -1.37 -35.32 -4.13
N ASN A 259 -0.66 -35.23 -3.02
CA ASN A 259 -1.27 -35.57 -1.73
C ASN A 259 -1.97 -34.38 -1.09
N GLY A 260 -2.07 -33.25 -1.78
CA GLY A 260 -2.75 -32.09 -1.23
C GLY A 260 -1.97 -31.30 -0.20
N LEU A 261 -0.91 -31.85 0.33
CA LEU A 261 -0.14 -31.19 1.38
C LEU A 261 1.19 -30.67 0.87
N PRO A 262 1.76 -29.71 1.59
CA PRO A 262 3.12 -29.29 1.24
C PRO A 262 4.10 -30.45 1.24
N SER A 263 3.73 -31.58 1.86
CA SER A 263 4.64 -32.70 1.98
C SER A 263 4.79 -33.43 0.65
N GLY A 264 3.86 -33.23 -0.28
CA GLY A 264 3.77 -34.08 -1.46
C GLY A 264 4.70 -33.76 -2.60
N ASN A 265 4.22 -34.06 -3.81
CA ASN A 265 4.94 -33.86 -5.07
C ASN A 265 4.15 -32.86 -5.90
N LEU A 266 4.85 -31.89 -6.51
CA LEU A 266 4.16 -30.86 -7.29
C LEU A 266 3.68 -31.46 -8.62
N VAL A 267 2.38 -31.37 -8.89
CA VAL A 267 1.82 -31.93 -10.10
C VAL A 267 1.23 -30.87 -11.03
N SER A 268 0.95 -29.67 -10.55
CA SER A 268 0.44 -28.66 -11.48
C SER A 268 0.63 -27.27 -10.91
N ILE A 269 0.62 -26.27 -11.81
CA ILE A 269 0.65 -24.87 -11.40
C ILE A 269 -0.54 -24.18 -12.06
N THR A 270 -1.49 -23.73 -11.27
CA THR A 270 -2.73 -23.17 -11.77
C THR A 270 -2.75 -21.66 -11.56
N ARG A 271 -3.11 -20.92 -12.57
CA ARG A 271 -3.17 -19.51 -12.48
C ARG A 271 -4.57 -19.02 -12.56
N LYS A 272 -5.02 -18.17 -11.64
CA LYS A 272 -6.36 -17.61 -11.67
C LYS A 272 -6.29 -16.11 -11.45
N TYR A 273 -7.14 -15.38 -12.17
CA TYR A 273 -7.17 -13.93 -12.10
C TYR A 273 -8.47 -13.46 -11.46
N ARG A 274 -8.42 -12.29 -10.83
CA ARG A 274 -9.65 -11.65 -10.39
C ARG A 274 -9.53 -10.16 -10.59
N GLN A 275 -10.56 -9.53 -11.05
CA GLN A 275 -10.53 -8.13 -11.30
C GLN A 275 -11.92 -7.70 -11.31
N ASN A 276 -12.12 -6.56 -10.70
CA ASN A 276 -13.36 -5.96 -10.50
C ASN A 276 -14.28 -6.89 -9.80
N GLY A 277 -13.75 -7.36 -8.69
CA GLY A 277 -14.43 -8.21 -7.78
C GLY A 277 -14.96 -9.45 -8.28
N VAL A 278 -14.51 -9.86 -9.40
CA VAL A 278 -15.08 -11.07 -9.96
C VAL A 278 -13.94 -11.95 -10.46
N ASP A 279 -14.17 -13.26 -10.45
CA ASP A 279 -13.18 -14.16 -11.00
C ASP A 279 -13.11 -13.97 -12.50
N VAL A 280 -11.93 -13.63 -13.00
CA VAL A 280 -11.76 -13.56 -14.45
C VAL A 280 -11.64 -14.99 -14.98
N PRO A 281 -12.41 -15.37 -16.03
CA PRO A 281 -12.34 -16.75 -16.53
C PRO A 281 -10.96 -17.07 -17.05
N SER A 282 -10.62 -18.36 -17.00
CA SER A 282 -9.37 -18.82 -17.56
C SER A 282 -9.40 -18.64 -19.08
N ALA A 283 -8.22 -18.38 -19.63
CA ALA A 283 -8.08 -18.32 -21.08
C ALA A 283 -8.53 -19.63 -21.72
N GLN A 284 -7.93 -20.75 -21.31
CA GLN A 284 -8.33 -22.06 -21.80
C GLN A 284 -9.38 -22.65 -20.87
N SER A 285 -10.33 -23.39 -21.45
CA SER A 285 -11.36 -24.04 -20.67
C SER A 285 -10.75 -25.01 -19.67
N GLY A 286 -11.40 -25.15 -18.53
CA GLY A 286 -10.87 -26.01 -17.49
C GLY A 286 -9.53 -25.57 -16.91
N GLY A 287 -9.25 -24.26 -16.92
CA GLY A 287 -8.16 -23.73 -16.14
C GLY A 287 -6.87 -23.50 -16.89
N ASP A 288 -6.16 -22.42 -16.52
CA ASP A 288 -4.82 -22.11 -17.01
C ASP A 288 -3.79 -22.80 -16.12
N THR A 289 -3.54 -24.07 -16.43
CA THR A 289 -2.70 -24.91 -15.58
C THR A 289 -1.52 -25.47 -16.38
N ILE A 290 -0.41 -25.63 -15.70
CA ILE A 290 0.78 -26.28 -16.23
C ILE A 290 0.87 -27.65 -15.58
N SER A 291 0.65 -28.71 -16.39
CA SER A 291 0.87 -30.11 -16.02
C SER A 291 2.15 -30.63 -16.66
N SER A 292 2.17 -30.69 -17.99
CA SER A 292 3.34 -31.12 -18.73
C SER A 292 4.40 -30.02 -18.72
N CYS A 293 5.65 -30.41 -18.53
CA CYS A 293 6.79 -29.48 -18.63
C CYS A 293 7.94 -30.20 -19.31
N PRO A 294 7.84 -30.39 -20.62
CA PRO A 294 8.83 -31.24 -21.31
C PRO A 294 10.25 -30.73 -21.20
N SER A 295 10.48 -29.42 -21.34
CA SER A 295 11.83 -28.89 -21.31
C SER A 295 12.53 -29.28 -20.02
N ALA A 296 11.80 -29.26 -18.91
CA ALA A 296 12.38 -29.57 -17.61
C ALA A 296 12.70 -31.04 -17.42
N SER A 297 12.30 -31.90 -18.37
CA SER A 297 12.36 -33.34 -18.18
C SER A 297 13.79 -33.87 -18.13
N ALA A 298 14.78 -33.07 -18.44
CA ALA A 298 16.16 -33.48 -18.20
C ALA A 298 16.66 -33.07 -16.82
N TYR A 299 15.79 -32.49 -15.99
CA TYR A 299 16.17 -31.95 -14.70
C TYR A 299 15.20 -32.42 -13.62
N GLY A 300 14.50 -33.52 -13.87
CA GLY A 300 13.51 -34.06 -12.94
C GLY A 300 12.24 -33.26 -12.97
N GLY A 301 11.82 -32.83 -14.14
CA GLY A 301 11.01 -31.65 -14.27
C GLY A 301 9.73 -31.51 -13.47
N LEU A 302 9.50 -30.27 -13.03
CA LEU A 302 8.28 -29.86 -12.36
C LEU A 302 8.16 -30.48 -10.97
N THR A 303 8.73 -31.67 -10.78
CA THR A 303 8.84 -32.21 -9.44
C THR A 303 9.95 -31.52 -8.65
N THR A 304 11.14 -31.36 -9.26
CA THR A 304 12.21 -30.66 -8.56
C THR A 304 11.84 -29.21 -8.28
N MET A 305 11.08 -28.59 -9.19
CA MET A 305 10.53 -27.27 -8.87
C MET A 305 9.73 -27.32 -7.58
N GLY A 306 8.88 -28.34 -7.43
CA GLY A 306 8.13 -28.46 -6.20
C GLY A 306 9.02 -28.68 -4.98
N LYS A 307 10.12 -29.41 -5.13
CA LYS A 307 11.00 -29.61 -3.99
C LYS A 307 11.69 -28.32 -3.58
N ALA A 308 12.13 -27.52 -4.56
CA ALA A 308 12.74 -26.22 -4.24
C ALA A 308 11.71 -25.26 -3.65
N LEU A 309 10.50 -25.23 -4.21
CA LEU A 309 9.43 -24.43 -3.63
C LEU A 309 9.13 -24.88 -2.21
N ALA A 310 9.23 -26.19 -1.94
CA ALA A 310 8.99 -26.71 -0.60
C ALA A 310 10.11 -26.35 0.34
N ASN A 311 11.35 -26.35 -0.15
CA ASN A 311 12.47 -25.92 0.68
C ASN A 311 12.33 -24.48 1.07
N GLY A 312 11.71 -23.68 0.20
CA GLY A 312 11.57 -22.26 0.44
C GLY A 312 12.52 -21.50 -0.46
N MET A 313 12.00 -20.51 -1.18
CA MET A 313 12.82 -19.70 -2.07
C MET A 313 12.69 -18.23 -1.70
N VAL A 314 13.51 -17.42 -2.32
CA VAL A 314 13.59 -15.96 -2.17
C VAL A 314 12.70 -15.22 -3.12
N LEU A 315 11.92 -14.26 -2.65
CA LEU A 315 11.03 -13.48 -3.45
C LEU A 315 11.73 -12.35 -4.10
N VAL A 316 11.61 -12.33 -5.40
CA VAL A 316 12.36 -11.36 -6.17
C VAL A 316 11.40 -10.46 -6.93
N PHE A 317 11.68 -9.16 -6.93
CA PHE A 317 10.94 -8.20 -7.73
C PHE A 317 11.92 -7.53 -8.67
N SER A 318 11.48 -7.26 -9.89
CA SER A 318 12.39 -6.70 -10.88
C SER A 318 11.58 -5.97 -11.95
N ILE A 319 12.26 -5.08 -12.66
CA ILE A 319 11.74 -4.49 -13.89
C ILE A 319 12.91 -4.19 -14.80
N TRP A 320 12.79 -4.52 -16.09
CA TRP A 320 13.95 -4.34 -16.97
C TRP A 320 13.51 -4.37 -18.44
N ASN A 321 14.49 -4.14 -19.32
CA ASN A 321 14.37 -4.34 -20.76
C ASN A 321 15.74 -4.77 -21.27
N ASP A 322 15.78 -5.42 -22.44
CA ASP A 322 17.06 -5.82 -23.04
C ASP A 322 17.31 -5.09 -24.35
N ASN A 323 18.57 -4.67 -24.52
CA ASN A 323 19.00 -4.00 -25.74
C ASN A 323 19.15 -4.99 -26.89
N GLY A 324 19.42 -6.26 -26.56
CA GLY A 324 19.58 -7.29 -27.60
C GLY A 324 18.26 -7.75 -28.22
N GLY A 325 17.27 -8.08 -27.39
CA GLY A 325 16.13 -8.78 -27.93
C GLY A 325 14.80 -8.04 -27.94
N ASN A 326 14.72 -6.92 -27.23
CA ASN A 326 13.49 -6.13 -27.08
C ASN A 326 12.41 -6.87 -26.29
N MET A 327 12.78 -7.89 -25.51
CA MET A 327 11.81 -8.77 -24.86
C MET A 327 10.82 -9.37 -25.87
N ASN A 328 11.25 -9.50 -27.13
CA ASN A 328 10.35 -9.99 -28.17
C ASN A 328 9.85 -11.39 -27.86
N TRP A 329 10.63 -12.18 -27.12
CA TRP A 329 10.18 -13.51 -26.74
C TRP A 329 8.94 -13.48 -25.87
N LEU A 330 8.69 -12.38 -25.18
CA LEU A 330 7.56 -12.26 -24.26
C LEU A 330 6.33 -11.67 -24.93
N ASP A 331 6.50 -10.62 -25.74
CA ASP A 331 5.35 -9.87 -26.23
C ASP A 331 5.27 -9.76 -27.75
N SER A 332 6.10 -10.52 -28.47
CA SER A 332 6.18 -10.37 -29.90
C SER A 332 6.10 -11.72 -30.61
N GLY A 333 5.79 -11.67 -31.88
CA GLY A 333 5.63 -12.88 -32.66
C GLY A 333 4.31 -13.55 -32.29
N ASN A 334 4.35 -14.88 -32.15
CA ASN A 334 3.14 -15.56 -31.72
C ASN A 334 3.03 -15.56 -30.22
N ALA A 335 3.91 -14.82 -29.56
CA ALA A 335 3.82 -14.65 -28.12
C ALA A 335 3.14 -13.34 -27.72
N GLY A 336 2.92 -12.42 -28.67
CA GLY A 336 2.25 -11.17 -28.39
C GLY A 336 2.04 -10.27 -29.60
N PRO A 337 1.41 -9.12 -29.36
CA PRO A 337 1.05 -8.21 -30.45
C PRO A 337 2.09 -7.18 -30.82
N CYS A 338 3.31 -7.24 -30.28
CA CYS A 338 4.24 -6.15 -30.54
C CYS A 338 5.12 -6.41 -31.74
N SER A 339 5.62 -5.33 -32.31
CA SER A 339 6.57 -5.45 -33.40
C SER A 339 7.89 -6.00 -32.86
N SER A 340 8.69 -6.52 -33.78
CA SER A 340 10.04 -6.94 -33.41
C SER A 340 10.85 -5.74 -32.92
N THR A 341 10.65 -4.58 -33.52
CA THR A 341 11.36 -3.35 -33.17
C THR A 341 10.71 -2.56 -32.03
N GLU A 342 9.37 -2.56 -31.93
CA GLU A 342 8.65 -1.72 -30.97
C GLU A 342 9.20 -1.81 -29.55
N GLY A 343 9.64 -3.00 -29.15
CA GLY A 343 10.08 -3.21 -27.78
C GLY A 343 11.44 -2.67 -27.45
N ASN A 344 12.09 -1.93 -28.35
CA ASN A 344 13.47 -1.53 -28.13
C ASN A 344 13.57 -0.46 -27.03
N PRO A 345 14.52 -0.58 -26.10
CA PRO A 345 14.65 0.45 -25.05
C PRO A 345 14.71 1.89 -25.55
N SER A 346 15.36 2.15 -26.68
CA SER A 346 15.36 3.49 -27.29
C SER A 346 13.95 4.07 -27.38
N THR A 347 13.04 3.31 -28.02
CA THR A 347 11.64 3.72 -28.17
C THR A 347 10.96 3.84 -26.81
N ILE A 348 11.31 2.97 -25.86
CA ILE A 348 10.68 3.02 -24.55
C ILE A 348 11.02 4.33 -23.86
N VAL A 349 12.32 4.57 -23.62
CA VAL A 349 12.76 5.76 -22.91
C VAL A 349 12.36 7.03 -23.64
N ALA A 350 12.12 6.95 -24.96
CA ALA A 350 11.57 8.09 -25.69
C ALA A 350 10.09 8.28 -25.42
N ASN A 351 9.30 7.22 -25.56
CA ASN A 351 7.85 7.31 -25.49
C ASN A 351 7.29 7.05 -24.09
N ASN A 352 7.83 6.09 -23.34
CA ASN A 352 7.27 5.75 -22.03
C ASN A 352 8.33 5.81 -20.92
N PRO A 353 8.97 6.96 -20.71
CA PRO A 353 9.86 7.06 -19.54
C PRO A 353 9.03 7.09 -18.27
N GLY A 354 9.62 6.66 -17.17
CA GLY A 354 8.80 6.48 -15.99
C GLY A 354 7.70 5.46 -16.18
N THR A 355 7.85 4.56 -17.14
CA THR A 355 7.08 3.32 -17.13
C THR A 355 7.42 2.58 -15.84
N HIS A 356 6.39 2.06 -15.18
CA HIS A 356 6.59 1.54 -13.84
C HIS A 356 5.58 0.43 -13.57
N VAL A 357 5.95 -0.46 -12.64
CA VAL A 357 5.08 -1.55 -12.20
C VAL A 357 4.80 -1.39 -10.72
N ILE A 358 3.56 -1.63 -10.32
CA ILE A 358 3.19 -1.53 -8.90
C ILE A 358 2.71 -2.90 -8.40
N PHE A 359 3.50 -3.52 -7.54
CA PHE A 359 3.14 -4.75 -6.86
C PHE A 359 2.51 -4.41 -5.51
N SER A 360 1.43 -5.09 -5.15
CA SER A 360 0.83 -4.82 -3.84
C SER A 360 0.11 -6.04 -3.31
N ASN A 361 -0.13 -6.02 -2.00
CA ASN A 361 -0.95 -7.03 -1.33
C ASN A 361 -0.42 -8.46 -1.56
N ILE A 362 0.90 -8.62 -1.44
CA ILE A 362 1.48 -9.97 -1.51
C ILE A 362 1.02 -10.79 -0.31
N ARG A 363 0.46 -11.96 -0.58
CA ARG A 363 0.09 -12.89 0.46
C ARG A 363 0.42 -14.29 -0.03
N TRP A 364 0.80 -15.16 0.90
CA TRP A 364 0.98 -16.55 0.52
C TRP A 364 0.51 -17.47 1.65
N GLY A 365 0.12 -18.68 1.29
CA GLY A 365 -0.26 -19.64 2.33
C GLY A 365 -1.10 -20.79 1.77
N ASP A 366 -1.95 -21.32 2.64
CA ASP A 366 -2.83 -22.40 2.22
C ASP A 366 -3.64 -21.98 0.99
N ILE A 367 -3.91 -22.95 0.10
CA ILE A 367 -4.65 -22.65 -1.12
C ILE A 367 -6.08 -22.25 -0.79
N GLY A 368 -6.55 -21.17 -1.40
CA GLY A 368 -7.88 -20.65 -1.15
C GLY A 368 -7.98 -19.66 -0.02
N SER A 369 -6.89 -19.45 0.73
CA SER A 369 -6.91 -18.67 1.96
C SER A 369 -6.26 -17.30 1.82
N THR A 370 -5.90 -16.89 0.60
CA THR A 370 -5.20 -15.62 0.47
C THR A 370 -5.95 -14.55 -0.32
N THR A 371 -7.21 -14.77 -0.72
CA THR A 371 -7.84 -13.92 -1.73
C THR A 371 -9.00 -13.07 -1.22
N GLY A 372 -9.89 -13.62 -0.39
CA GLY A 372 -11.06 -12.88 0.03
C GLY A 372 -12.37 -13.41 -0.51
N GLY A 373 -13.34 -13.62 0.38
CA GLY A 373 -14.61 -14.25 0.06
C GLY A 373 -15.43 -13.54 -0.99
N GLN B 1 -29.56 13.93 -6.75
CA GLN B 1 -30.04 12.89 -5.87
C GLN B 1 -30.23 11.55 -6.63
N GLN B 2 -29.77 11.48 -7.88
CA GLN B 2 -29.59 10.23 -8.60
C GLN B 2 -28.20 10.16 -9.24
N PRO B 3 -27.61 8.97 -9.33
CA PRO B 3 -26.25 8.87 -9.90
C PRO B 3 -26.22 9.25 -11.37
N GLY B 4 -25.33 10.20 -11.69
CA GLY B 4 -25.14 10.64 -13.07
C GLY B 4 -24.35 9.67 -13.94
N THR B 5 -24.49 9.85 -15.26
CA THR B 5 -23.86 8.97 -16.25
C THR B 5 -22.66 9.61 -16.92
N SER B 6 -22.37 10.87 -16.63
CA SER B 6 -21.34 11.57 -17.38
C SER B 6 -19.93 11.14 -16.97
N THR B 7 -19.66 11.13 -15.67
CA THR B 7 -18.37 10.67 -15.11
C THR B 7 -18.63 9.47 -14.22
N PRO B 8 -18.34 8.25 -14.66
CA PRO B 8 -18.62 7.09 -13.82
C PRO B 8 -17.83 7.17 -12.52
N GLU B 9 -18.46 6.76 -11.43
CA GLU B 9 -17.83 6.84 -10.13
C GLU B 9 -17.19 5.49 -9.84
N VAL B 10 -15.87 5.45 -9.86
CA VAL B 10 -15.09 4.27 -9.59
C VAL B 10 -14.37 4.51 -8.27
N HIS B 11 -14.75 3.77 -7.24
CA HIS B 11 -14.10 3.98 -5.96
C HIS B 11 -12.76 3.24 -5.93
N PRO B 12 -11.65 3.94 -5.67
CA PRO B 12 -10.33 3.27 -5.58
C PRO B 12 -10.29 2.37 -4.36
N LYS B 13 -9.87 1.16 -4.53
CA LYS B 13 -9.91 0.18 -3.48
C LYS B 13 -8.79 0.23 -2.52
N LEU B 14 -9.10 0.22 -1.27
CA LEU B 14 -8.08 0.39 -0.22
C LEU B 14 -8.15 -0.78 0.74
N THR B 15 -7.09 -1.58 0.80
CA THR B 15 -7.11 -2.86 1.52
C THR B 15 -7.03 -2.68 3.03
N THR B 16 -8.06 -3.15 3.73
CA THR B 16 -8.13 -3.09 5.19
C THR B 16 -8.32 -4.49 5.75
N TYR B 17 -8.13 -4.68 7.04
CA TYR B 17 -8.24 -5.95 7.65
C TYR B 17 -8.96 -5.85 8.95
N LYS B 18 -9.73 -6.88 9.29
CA LYS B 18 -10.36 -7.06 10.58
C LYS B 18 -9.68 -8.24 11.27
N CYS B 19 -9.22 -8.05 12.51
CA CYS B 19 -8.32 -9.02 13.15
C CYS B 19 -8.88 -9.53 14.48
N THR B 20 -8.95 -10.85 14.60
CA THR B 20 -9.34 -11.54 15.81
C THR B 20 -8.10 -12.12 16.47
N LYS B 21 -8.16 -12.22 17.80
CA LYS B 21 -7.11 -12.92 18.55
C LYS B 21 -6.86 -14.33 17.98
N SER B 22 -7.92 -15.11 17.82
CA SER B 22 -7.74 -16.48 17.36
C SER B 22 -7.81 -16.64 15.84
N GLY B 23 -8.73 -15.96 15.16
CA GLY B 23 -8.88 -16.14 13.74
C GLY B 23 -7.98 -15.29 12.89
N GLY B 24 -7.14 -14.44 13.51
CA GLY B 24 -6.19 -13.67 12.71
C GLY B 24 -6.87 -12.55 11.94
N CYS B 25 -6.16 -12.08 10.92
CA CYS B 25 -6.62 -10.95 10.12
C CYS B 25 -7.25 -11.45 8.82
N VAL B 26 -8.42 -10.91 8.50
CA VAL B 26 -9.07 -11.20 7.22
C VAL B 26 -9.29 -9.87 6.49
N ALA B 27 -8.88 -9.84 5.21
CA ALA B 27 -9.00 -8.64 4.40
C ALA B 27 -10.45 -8.34 4.09
N GLN B 28 -10.77 -7.06 4.03
CA GLN B 28 -12.08 -6.57 3.64
C GLN B 28 -11.98 -5.98 2.25
N ASP B 29 -13.09 -6.07 1.50
CA ASP B 29 -13.18 -5.49 0.16
C ASP B 29 -13.72 -4.06 0.28
N THR B 30 -12.89 -3.23 0.89
CA THR B 30 -13.23 -1.84 1.17
C THR B 30 -12.65 -0.92 0.09
N SER B 31 -13.38 0.13 -0.22
CA SER B 31 -12.89 1.17 -1.10
C SER B 31 -12.98 2.51 -0.36
N VAL B 32 -12.63 3.61 -1.04
CA VAL B 32 -12.76 4.94 -0.46
C VAL B 32 -13.67 5.75 -1.37
N VAL B 33 -14.49 6.62 -0.79
CA VAL B 33 -15.38 7.43 -1.58
C VAL B 33 -15.28 8.88 -1.15
N LEU B 34 -15.36 9.81 -2.11
CA LEU B 34 -15.21 11.24 -1.82
C LEU B 34 -16.53 11.84 -1.37
N ASP B 35 -16.42 12.88 -0.55
CA ASP B 35 -17.60 13.41 0.12
C ASP B 35 -18.63 13.92 -0.88
N TRP B 36 -19.91 13.86 -0.48
CA TRP B 36 -21.01 14.34 -1.31
C TRP B 36 -20.74 15.71 -1.90
N ASN B 37 -20.34 16.65 -1.05
CA ASN B 37 -20.33 18.05 -1.46
C ASN B 37 -19.24 18.36 -2.48
N TYR B 38 -18.21 17.53 -2.59
CA TYR B 38 -17.16 17.76 -3.57
C TYR B 38 -17.61 17.47 -4.99
N ARG B 39 -18.77 16.86 -5.18
CA ARG B 39 -19.17 16.34 -6.47
C ARG B 39 -20.02 17.34 -7.25
N TRP B 40 -19.99 17.17 -8.57
CA TRP B 40 -20.83 17.95 -9.46
C TRP B 40 -22.21 17.32 -9.58
N MET B 41 -23.23 18.13 -9.40
CA MET B 41 -24.61 17.68 -9.55
C MET B 41 -25.30 18.54 -10.60
N HIS B 42 -25.99 17.90 -11.55
CA HIS B 42 -26.60 18.59 -12.66
C HIS B 42 -27.93 17.94 -13.02
N ASP B 43 -28.70 18.64 -13.87
CA ASP B 43 -29.97 18.11 -14.37
C ASP B 43 -29.73 17.40 -15.71
N LYS B 44 -30.80 16.99 -16.39
CA LYS B 44 -30.63 16.30 -17.66
C LYS B 44 -30.14 17.25 -18.75
N ASN B 45 -30.26 18.56 -18.53
CA ASN B 45 -29.77 19.57 -19.46
C ASN B 45 -28.41 20.10 -19.06
N PHE B 46 -27.76 19.47 -18.10
CA PHE B 46 -26.44 19.86 -17.63
C PHE B 46 -26.47 21.22 -16.94
N ASN B 47 -27.60 21.59 -16.39
CA ASN B 47 -27.67 22.78 -15.59
C ASN B 47 -27.38 22.23 -14.18
N SER B 48 -26.66 22.92 -13.34
CA SER B 48 -26.31 22.34 -12.05
C SER B 48 -27.51 22.44 -11.12
N CYS B 49 -27.57 21.54 -10.15
CA CYS B 49 -28.60 21.56 -9.14
C CYS B 49 -28.05 22.30 -7.91
N THR B 50 -26.74 22.28 -7.75
CA THR B 50 -25.98 22.99 -6.73
C THR B 50 -25.73 24.40 -7.22
N VAL B 51 -25.68 25.34 -6.28
CA VAL B 51 -25.10 26.64 -6.63
C VAL B 51 -24.59 27.33 -5.37
N ASN B 52 -23.26 27.36 -5.23
CA ASN B 52 -22.56 28.03 -4.12
C ASN B 52 -22.93 27.43 -2.78
N GLY B 53 -22.89 26.09 -2.69
CA GLY B 53 -23.19 25.38 -1.46
C GLY B 53 -24.61 25.63 -0.97
N GLY B 54 -25.57 25.40 -1.86
CA GLY B 54 -26.97 25.65 -1.61
C GLY B 54 -27.71 25.31 -2.87
N VAL B 55 -28.88 24.73 -2.81
CA VAL B 55 -29.51 24.29 -4.03
C VAL B 55 -30.07 25.32 -4.95
N ASN B 56 -30.74 24.84 -5.96
CA ASN B 56 -31.44 25.71 -6.87
C ASN B 56 -32.84 25.58 -6.45
N THR B 57 -33.45 26.68 -6.12
CA THR B 57 -34.83 26.65 -5.67
C THR B 57 -35.75 26.13 -6.70
N THR B 58 -35.45 26.37 -7.96
CA THR B 58 -36.25 26.06 -9.06
C THR B 58 -36.03 24.69 -9.54
N LEU B 59 -34.85 24.18 -9.28
CA LEU B 59 -34.47 22.85 -9.70
C LEU B 59 -34.76 21.85 -8.63
N CYS B 60 -34.60 22.27 -7.40
CA CYS B 60 -34.89 21.48 -6.20
C CYS B 60 -35.80 22.18 -5.19
N PRO B 61 -37.04 22.47 -5.55
CA PRO B 61 -37.97 23.05 -4.55
C PRO B 61 -38.23 22.13 -3.36
N ASP B 62 -38.66 20.89 -3.59
CA ASP B 62 -38.73 19.88 -2.55
C ASP B 62 -37.63 18.86 -2.81
N GLU B 63 -37.57 17.81 -1.99
CA GLU B 63 -36.58 16.76 -2.25
C GLU B 63 -37.03 15.77 -3.32
N ALA B 64 -38.33 15.59 -3.55
CA ALA B 64 -38.76 14.66 -4.59
C ALA B 64 -38.59 15.26 -5.97
N THR B 65 -39.01 16.51 -6.17
CA THR B 65 -38.57 17.25 -7.35
C THR B 65 -37.06 17.19 -7.59
N CYS B 66 -36.26 17.40 -6.54
CA CYS B 66 -34.82 17.39 -6.74
C CYS B 66 -34.31 15.99 -7.05
N GLY B 67 -34.94 14.97 -6.46
CA GLY B 67 -34.58 13.59 -6.77
C GLY B 67 -34.86 13.22 -8.22
N ALA B 68 -35.99 13.71 -8.75
CA ALA B 68 -36.34 13.39 -10.14
C ALA B 68 -35.44 14.14 -11.13
N ASN B 69 -35.10 15.41 -10.81
CA ASN B 69 -34.39 16.24 -11.79
C ASN B 69 -32.87 16.06 -11.77
N CYS B 70 -32.28 15.64 -10.66
CA CYS B 70 -30.84 15.85 -10.45
C CYS B 70 -30.01 14.58 -10.54
N PHE B 71 -28.78 14.76 -11.04
CA PHE B 71 -27.82 13.68 -11.25
C PHE B 71 -26.45 14.13 -10.74
N ILE B 72 -25.94 13.41 -9.74
CA ILE B 72 -24.68 13.75 -9.09
C ILE B 72 -23.59 12.86 -9.68
N GLU B 73 -22.45 13.44 -9.98
CA GLU B 73 -21.52 12.78 -10.87
C GLU B 73 -20.38 12.09 -10.10
N GLY B 74 -19.69 11.22 -10.82
CA GLY B 74 -18.48 10.60 -10.30
C GLY B 74 -17.32 11.58 -10.31
N VAL B 75 -16.17 11.08 -9.89
CA VAL B 75 -15.04 11.93 -9.56
C VAL B 75 -13.76 11.30 -10.09
N ASP B 76 -12.86 12.16 -10.57
CA ASP B 76 -11.47 11.83 -10.86
C ASP B 76 -10.71 11.87 -9.55
N TYR B 77 -10.46 10.70 -8.96
CA TYR B 77 -9.89 10.70 -7.61
C TYR B 77 -8.48 11.28 -7.58
N ALA B 78 -7.68 11.01 -8.61
CA ALA B 78 -6.33 11.59 -8.66
C ALA B 78 -6.40 13.10 -8.82
N ALA B 79 -7.35 13.59 -9.63
CA ALA B 79 -7.55 15.03 -9.72
C ALA B 79 -7.93 15.62 -8.38
N SER B 80 -8.53 14.80 -7.51
CA SER B 80 -9.10 15.19 -6.23
C SER B 80 -8.09 15.22 -5.09
N GLY B 81 -6.82 14.88 -5.32
CA GLY B 81 -5.86 14.76 -4.25
C GLY B 81 -5.70 13.36 -3.68
N VAL B 82 -6.48 12.39 -4.17
CA VAL B 82 -6.51 11.03 -3.64
C VAL B 82 -5.79 10.08 -4.60
N THR B 83 -4.78 9.37 -4.11
CA THR B 83 -4.20 8.29 -4.89
C THR B 83 -4.01 7.08 -3.99
N VAL B 84 -4.34 5.89 -4.50
CA VAL B 84 -4.47 4.67 -3.72
C VAL B 84 -3.67 3.55 -4.38
N SER B 85 -3.11 2.68 -3.54
CA SER B 85 -2.47 1.45 -4.02
C SER B 85 -2.32 0.50 -2.86
N GLY B 86 -2.89 -0.69 -2.97
CA GLY B 86 -2.73 -1.67 -1.92
C GLY B 86 -3.32 -1.18 -0.63
N SER B 87 -2.56 -1.18 0.41
CA SER B 87 -2.99 -0.70 1.67
C SER B 87 -2.77 0.74 1.91
N SER B 88 -2.27 1.44 0.93
CA SER B 88 -1.76 2.79 1.10
C SER B 88 -2.67 3.80 0.40
N LEU B 89 -2.98 4.89 1.10
CA LEU B 89 -3.83 5.95 0.58
C LEU B 89 -3.15 7.29 0.85
N THR B 90 -2.76 7.99 -0.18
CA THR B 90 -2.19 9.30 -0.10
C THR B 90 -3.20 10.38 -0.35
N MET B 91 -3.22 11.38 0.45
CA MET B 91 -4.13 12.50 0.28
C MET B 91 -3.33 13.79 0.21
N ASN B 92 -3.65 14.62 -0.78
CA ASN B 92 -2.93 15.85 -1.07
C ASN B 92 -3.77 17.06 -0.67
N GLN B 93 -3.17 17.97 0.10
CA GLN B 93 -3.87 19.22 0.39
C GLN B 93 -4.03 20.07 -0.86
N TYR B 94 -3.07 20.05 -1.77
CA TYR B 94 -3.15 20.87 -2.98
C TYR B 94 -2.84 20.04 -4.20
N MET B 95 -3.39 20.49 -5.33
CA MET B 95 -3.19 19.90 -6.63
C MET B 95 -2.93 21.03 -7.62
N PRO B 96 -2.03 20.83 -8.59
CA PRO B 96 -1.75 21.89 -9.57
C PRO B 96 -2.99 22.42 -10.27
N SER B 97 -3.03 23.73 -10.48
CA SER B 97 -4.13 24.40 -11.17
C SER B 97 -3.77 24.57 -12.64
N SER B 98 -4.73 24.24 -13.52
CA SER B 98 -4.58 24.55 -14.95
C SER B 98 -4.19 26.02 -15.13
N SER B 99 -4.78 26.91 -14.34
CA SER B 99 -4.48 28.32 -14.35
C SER B 99 -3.15 28.69 -13.65
N GLY B 100 -2.20 27.75 -13.48
CA GLY B 100 -0.85 28.07 -13.07
C GLY B 100 -0.57 27.98 -11.57
N GLY B 101 -1.59 28.06 -10.72
CA GLY B 101 -1.36 27.99 -9.28
C GLY B 101 -1.49 26.60 -8.69
N TYR B 102 -2.07 26.53 -7.49
CA TYR B 102 -2.42 25.27 -6.84
C TYR B 102 -3.87 25.34 -6.41
N SER B 103 -4.70 24.47 -6.94
CA SER B 103 -6.05 24.33 -6.40
C SER B 103 -6.02 23.69 -5.02
N SER B 104 -6.95 24.08 -4.17
CA SER B 104 -7.02 23.51 -2.82
C SER B 104 -8.09 22.43 -2.74
N VAL B 105 -7.90 21.36 -3.52
CA VAL B 105 -8.69 20.16 -3.33
C VAL B 105 -8.38 19.64 -1.93
N SER B 106 -9.41 19.42 -1.13
CA SER B 106 -9.22 19.18 0.31
C SER B 106 -9.94 17.90 0.68
N PRO B 107 -9.44 16.77 0.20
CA PRO B 107 -10.30 15.58 0.15
C PRO B 107 -10.79 15.17 1.53
N ARG B 108 -12.08 14.79 1.59
CA ARG B 108 -12.64 14.04 2.71
C ARG B 108 -13.20 12.75 2.16
N LEU B 109 -12.66 11.62 2.63
CA LEU B 109 -13.02 10.31 2.11
C LEU B 109 -13.71 9.51 3.21
N TYR B 110 -14.54 8.55 2.80
CA TYR B 110 -15.15 7.61 3.72
C TYR B 110 -14.84 6.19 3.27
N LEU B 111 -14.61 5.32 4.26
CA LEU B 111 -14.36 3.92 3.97
C LEU B 111 -15.68 3.27 3.61
N LEU B 112 -15.78 2.83 2.38
CA LEU B 112 -16.98 2.20 1.84
C LEU B 112 -16.75 0.70 1.76
N GLY B 113 -17.82 -0.07 1.95
CA GLY B 113 -17.75 -1.52 1.91
C GLY B 113 -18.12 -2.09 0.53
N SER B 114 -18.16 -3.43 0.49
CA SER B 114 -18.59 -4.12 -0.72
C SER B 114 -20.02 -3.73 -1.10
N ASP B 115 -20.92 -3.62 -0.11
CA ASP B 115 -22.35 -3.41 -0.32
C ASP B 115 -22.70 -2.10 -0.99
N GLY B 116 -21.76 -1.17 -1.14
CA GLY B 116 -22.16 0.17 -1.45
C GLY B 116 -22.67 0.91 -0.24
N ASP B 117 -22.59 0.30 0.94
CA ASP B 117 -22.75 0.96 2.22
C ASP B 117 -21.39 1.19 2.87
N TYR B 118 -21.32 2.21 3.72
CA TYR B 118 -20.09 2.47 4.46
C TYR B 118 -19.79 1.28 5.35
N GLU B 119 -18.56 0.78 5.26
CA GLU B 119 -18.08 -0.19 6.24
C GLU B 119 -18.05 0.49 7.60
N LEU B 120 -18.96 0.11 8.50
CA LEU B 120 -18.96 0.64 9.86
C LEU B 120 -18.03 -0.17 10.74
N LEU B 121 -17.23 0.51 11.55
CA LEU B 121 -16.24 -0.15 12.39
C LEU B 121 -16.74 -0.16 13.82
N GLN B 122 -16.92 -1.35 14.37
CA GLN B 122 -17.33 -1.49 15.77
C GLN B 122 -16.07 -1.59 16.61
N LEU B 123 -15.84 -0.57 17.44
CA LEU B 123 -14.57 -0.39 18.12
C LEU B 123 -14.66 -0.37 19.63
N ASN B 124 -15.85 -0.47 20.22
CA ASN B 124 -15.92 -0.58 21.66
C ASN B 124 -15.23 -1.86 22.10
N GLY B 125 -14.37 -1.75 23.12
CA GLY B 125 -13.62 -2.91 23.60
C GLY B 125 -12.68 -3.47 22.57
N GLN B 126 -12.22 -2.63 21.63
CA GLN B 126 -11.45 -3.07 20.48
C GLN B 126 -10.44 -1.99 20.11
N GLU B 127 -9.54 -2.31 19.16
CA GLU B 127 -8.45 -1.41 18.80
C GLU B 127 -8.36 -1.20 17.30
N LEU B 128 -7.83 -0.03 16.92
CA LEU B 128 -7.60 0.35 15.53
C LEU B 128 -6.19 0.88 15.38
N SER B 129 -5.42 0.23 14.53
CA SER B 129 -4.05 0.64 14.30
C SER B 129 -3.88 0.97 12.83
N PHE B 130 -3.00 1.92 12.55
CA PHE B 130 -2.63 2.18 11.16
C PHE B 130 -1.21 2.70 11.14
N ASP B 131 -0.67 2.82 9.96
CA ASP B 131 0.60 3.50 9.73
C ASP B 131 0.30 4.85 9.10
N VAL B 132 1.15 5.84 9.37
CA VAL B 132 0.99 7.18 8.82
C VAL B 132 2.35 7.77 8.44
N ASP B 133 2.31 8.64 7.44
CA ASP B 133 3.40 9.52 7.01
C ASP B 133 2.87 10.94 7.04
N LEU B 134 3.40 11.78 7.90
CA LEU B 134 3.04 13.17 7.95
C LEU B 134 4.26 14.04 7.84
N SER B 135 5.41 13.52 7.57
CA SER B 135 6.61 14.36 7.51
C SER B 135 6.37 15.64 6.73
N THR B 136 5.60 15.54 5.66
CA THR B 136 5.36 16.67 4.78
C THR B 136 4.25 17.58 5.25
N LEU B 137 3.71 17.38 6.45
CA LEU B 137 2.65 18.29 6.90
C LEU B 137 3.22 19.32 7.84
N PRO B 138 3.24 20.61 7.46
CA PRO B 138 3.75 21.65 8.36
C PRO B 138 2.71 22.19 9.35
N CYS B 139 3.06 23.26 10.05
CA CYS B 139 2.11 23.92 10.92
C CYS B 139 0.89 24.34 10.12
N GLY B 140 -0.28 24.31 10.77
CA GLY B 140 -1.52 24.72 10.17
C GLY B 140 -2.16 23.69 9.26
N GLU B 141 -1.54 22.53 9.09
CA GLU B 141 -2.09 21.44 8.29
C GLU B 141 -2.70 20.41 9.22
N ASN B 142 -3.86 19.87 8.84
CA ASN B 142 -4.53 18.86 9.65
C ASN B 142 -4.70 17.62 8.80
N GLY B 143 -3.84 16.64 9.03
CA GLY B 143 -4.07 15.29 8.56
C GLY B 143 -4.88 14.54 9.61
N ALA B 144 -6.03 14.02 9.21
CA ALA B 144 -7.01 13.54 10.16
C ALA B 144 -7.57 12.17 9.75
N LEU B 145 -7.70 11.29 10.73
CA LEU B 145 -8.35 10.00 10.54
C LEU B 145 -9.32 9.85 11.72
N TYR B 146 -10.62 9.80 11.43
CA TYR B 146 -11.57 9.80 12.52
C TYR B 146 -12.77 8.94 12.18
N LEU B 147 -13.76 8.95 13.06
CA LEU B 147 -14.97 8.16 12.86
C LEU B 147 -16.17 9.02 13.23
N SER B 148 -17.27 8.85 12.49
CA SER B 148 -18.50 9.55 12.78
C SER B 148 -19.67 8.59 12.61
N GLU B 149 -20.62 8.66 13.54
CA GLU B 149 -21.76 7.74 13.49
C GLU B 149 -22.73 8.22 12.41
N MET B 150 -22.27 8.13 11.16
CA MET B 150 -23.12 8.44 10.03
C MET B 150 -23.85 7.19 9.60
N ALA B 151 -25.01 7.39 8.98
CA ALA B 151 -25.81 6.25 8.57
C ALA B 151 -25.03 5.35 7.63
N ALA B 152 -25.17 4.05 7.79
CA ALA B 152 -24.37 3.16 6.97
C ALA B 152 -24.71 3.33 5.50
N ASN B 153 -25.98 3.54 5.17
CA ASN B 153 -26.40 3.75 3.79
C ASN B 153 -26.22 5.20 3.33
N GLY B 154 -25.64 6.05 4.18
CA GLY B 154 -25.40 7.44 3.81
C GLY B 154 -26.64 8.29 3.77
N GLY B 155 -27.78 7.75 4.20
CA GLY B 155 -29.03 8.45 4.11
C GLY B 155 -29.75 8.22 2.83
N ALA B 156 -29.46 7.19 2.11
CA ALA B 156 -30.15 6.93 0.90
C ALA B 156 -31.59 6.66 1.14
N ASN B 157 -32.41 7.10 0.23
CA ASN B 157 -33.84 6.92 0.41
C ASN B 157 -34.48 6.82 -0.96
N GLN B 158 -35.80 7.01 -1.02
CA GLN B 158 -36.53 6.81 -2.26
C GLN B 158 -36.19 7.86 -3.31
N TYR B 159 -35.90 9.09 -2.91
CA TYR B 159 -35.55 10.17 -3.82
C TYR B 159 -34.03 10.37 -3.93
N ASN B 160 -33.24 9.64 -3.13
CA ASN B 160 -31.78 9.66 -3.24
C ASN B 160 -31.30 8.22 -3.38
N THR B 161 -31.07 7.79 -4.61
CA THR B 161 -30.52 6.48 -4.91
C THR B 161 -29.00 6.48 -5.04
N ALA B 162 -28.37 7.64 -4.90
CA ALA B 162 -26.91 7.70 -4.94
C ALA B 162 -26.31 7.24 -3.61
N GLY B 163 -26.73 7.86 -2.51
CA GLY B 163 -26.39 7.36 -1.19
C GLY B 163 -24.90 7.30 -0.94
N ALA B 164 -24.50 6.29 -0.19
CA ALA B 164 -23.11 6.21 0.25
C ALA B 164 -22.13 6.18 -0.91
N ASN B 165 -22.52 5.56 -2.04
CA ASN B 165 -21.62 5.48 -3.19
C ASN B 165 -21.20 6.85 -3.70
N TYR B 166 -21.80 7.92 -3.19
CA TYR B 166 -21.37 9.26 -3.53
C TYR B 166 -21.18 10.09 -2.27
N GLY B 167 -20.86 9.43 -1.17
CA GLY B 167 -20.48 10.11 0.05
C GLY B 167 -21.58 10.87 0.75
N SER B 168 -22.80 10.35 0.72
CA SER B 168 -23.93 11.09 1.30
C SER B 168 -23.97 10.96 2.82
N GLY B 169 -24.48 12.01 3.46
CA GLY B 169 -24.85 11.96 4.87
C GLY B 169 -23.76 12.18 5.89
N TYR B 170 -22.79 13.05 5.60
CA TYR B 170 -21.75 13.34 6.58
C TYR B 170 -22.35 14.06 7.79
N CYS B 171 -21.82 13.72 8.97
CA CYS B 171 -22.08 14.44 10.21
C CYS B 171 -20.87 14.31 11.10
N ASP B 172 -20.78 15.20 12.06
CA ASP B 172 -19.70 15.18 13.04
C ASP B 172 -20.16 15.98 14.25
N ALA B 173 -19.28 16.08 15.24
CA ALA B 173 -19.66 16.69 16.51
C ALA B 173 -19.84 18.20 16.44
N GLN B 174 -19.52 18.83 15.31
CA GLN B 174 -19.82 20.24 15.13
C GLN B 174 -21.19 20.48 14.51
N CYS B 175 -22.01 19.45 14.40
CA CYS B 175 -23.39 19.58 13.91
C CYS B 175 -23.48 20.46 12.66
N PRO B 176 -22.74 20.12 11.59
CA PRO B 176 -22.67 21.00 10.43
C PRO B 176 -24.03 21.13 9.74
N VAL B 177 -24.26 22.29 9.14
CA VAL B 177 -25.45 22.48 8.33
C VAL B 177 -25.07 22.02 6.92
N GLN B 178 -25.45 20.78 6.59
CA GLN B 178 -25.20 20.19 5.29
C GLN B 178 -26.40 20.43 4.39
N THR B 179 -26.13 20.84 3.15
CA THR B 179 -27.23 21.07 2.22
C THR B 179 -28.05 19.81 2.02
N TRP B 180 -27.42 18.64 2.06
CA TRP B 180 -28.12 17.36 2.19
C TRP B 180 -27.80 16.80 3.58
N LYS B 181 -28.78 16.90 4.49
CA LYS B 181 -28.69 16.32 5.83
C LYS B 181 -29.19 14.89 5.79
N ASN B 182 -28.34 13.93 6.02
CA ASN B 182 -28.68 12.54 5.90
C ASN B 182 -29.31 12.16 4.62
N GLY B 183 -28.74 12.59 3.52
CA GLY B 183 -29.19 12.22 2.20
C GLY B 183 -30.54 12.78 1.83
N THR B 184 -31.00 13.80 2.52
CA THR B 184 -32.27 14.43 2.17
C THR B 184 -32.10 15.92 2.36
N LEU B 185 -32.63 16.69 1.41
CA LEU B 185 -32.62 18.15 1.48
C LEU B 185 -33.08 18.57 2.86
N ASN B 186 -32.20 19.25 3.61
CA ASN B 186 -32.67 19.85 4.87
C ASN B 186 -33.13 21.26 4.55
N THR B 187 -34.42 21.33 4.25
CA THR B 187 -35.07 22.62 4.10
C THR B 187 -35.11 23.34 5.45
N ASN B 188 -35.08 22.58 6.55
CA ASN B 188 -35.05 23.12 7.91
C ASN B 188 -33.75 23.87 8.20
N HIS B 189 -32.73 23.72 7.36
CA HIS B 189 -31.41 24.27 7.62
C HIS B 189 -30.93 23.83 8.99
N SER B 190 -31.16 22.55 9.29
CA SER B 190 -30.78 21.93 10.56
C SER B 190 -29.32 21.56 10.55
N GLY B 191 -28.77 21.43 11.75
CA GLY B 191 -27.47 20.84 11.91
C GLY B 191 -27.62 19.36 12.13
N TYR B 192 -26.64 18.60 11.65
CA TYR B 192 -26.66 17.14 11.72
C TYR B 192 -25.56 16.73 12.70
N CYS B 193 -25.96 16.46 13.94
CA CYS B 193 -25.04 16.03 14.98
C CYS B 193 -24.91 14.51 14.98
N CYS B 194 -23.72 14.04 15.32
CA CYS B 194 -23.53 12.63 15.61
C CYS B 194 -22.22 12.45 16.37
N ASN B 195 -22.12 11.32 17.08
CA ASN B 195 -20.93 11.07 17.90
C ASN B 195 -19.71 10.96 17.01
N GLU B 196 -18.59 11.47 17.49
CA GLU B 196 -17.41 11.55 16.64
C GLU B 196 -16.17 11.25 17.47
N MET B 197 -15.44 10.21 17.12
CA MET B 197 -14.15 9.92 17.72
C MET B 197 -13.05 10.30 16.73
N ASP B 198 -12.16 11.19 17.15
CA ASP B 198 -11.05 11.62 16.29
C ASP B 198 -9.79 10.90 16.74
N ILE B 199 -9.41 9.88 15.96
CA ILE B 199 -8.23 9.09 16.26
C ILE B 199 -6.97 9.90 16.03
N LEU B 200 -6.95 10.67 14.95
CA LEU B 200 -5.78 11.46 14.61
C LEU B 200 -6.23 12.81 14.08
N GLU B 201 -5.69 13.86 14.68
CA GLU B 201 -5.75 15.20 14.11
C GLU B 201 -4.33 15.72 14.29
N ALA B 202 -3.54 15.77 13.24
CA ALA B 202 -2.13 15.98 13.53
C ALA B 202 -1.43 16.54 12.31
N ASN B 203 -0.20 17.01 12.55
CA ASN B 203 0.79 17.25 11.52
C ASN B 203 2.14 16.94 12.16
N SER B 204 3.22 17.26 11.43
CA SER B 204 4.55 16.92 11.86
C SER B 204 5.00 17.65 13.11
N ARG B 205 4.21 18.58 13.65
CA ARG B 205 4.62 19.39 14.79
C ARG B 205 3.84 19.14 16.06
N ALA B 206 2.55 18.79 15.94
CA ALA B 206 1.70 18.62 17.11
C ALA B 206 0.54 17.68 16.75
N ASN B 207 -0.01 17.08 17.77
CA ASN B 207 -1.05 16.09 17.62
C ASN B 207 -2.13 16.12 18.68
N ALA B 208 -3.23 15.48 18.43
CA ALA B 208 -4.30 15.33 19.41
C ALA B 208 -5.25 14.25 18.93
N PHE B 209 -5.80 13.52 19.90
CA PHE B 209 -6.89 12.59 19.69
C PHE B 209 -8.02 13.01 20.56
N THR B 210 -9.19 13.21 20.02
CA THR B 210 -10.23 13.70 20.92
C THR B 210 -11.52 12.93 20.68
N PRO B 211 -12.13 12.40 21.73
CA PRO B 211 -13.49 11.88 21.61
C PRO B 211 -14.48 13.01 21.83
N HIS B 212 -15.53 13.00 21.02
CA HIS B 212 -16.69 13.90 21.19
C HIS B 212 -17.97 13.09 21.31
N SER B 213 -18.56 13.15 22.50
CA SER B 213 -19.80 12.46 22.81
C SER B 213 -20.97 13.38 22.50
N CYS B 214 -22.14 12.79 22.24
CA CYS B 214 -23.33 13.54 21.85
C CYS B 214 -24.59 12.93 22.43
N THR B 215 -25.49 13.79 22.87
CA THR B 215 -26.89 13.41 23.05
C THR B 215 -27.55 13.37 21.68
N ALA B 216 -28.86 13.09 21.65
CA ALA B 216 -29.60 13.11 20.39
C ALA B 216 -29.72 14.54 19.84
N THR B 217 -29.77 15.55 20.71
CA THR B 217 -29.90 16.93 20.27
C THR B 217 -28.57 17.60 19.91
N ALA B 218 -27.53 17.48 20.76
CA ALA B 218 -26.32 18.29 20.56
C ALA B 218 -25.07 17.53 21.03
N CYS B 219 -23.90 18.13 20.76
CA CYS B 219 -22.61 17.46 20.95
C CYS B 219 -21.64 18.30 21.78
N ASP B 220 -20.62 17.60 22.27
CA ASP B 220 -19.46 18.17 22.98
C ASP B 220 -18.45 18.62 21.94
N ALA B 221 -18.65 19.83 21.42
CA ALA B 221 -17.96 20.25 20.21
C ALA B 221 -16.44 20.23 20.38
N SER B 222 -15.95 20.68 21.53
CA SER B 222 -14.52 20.60 21.82
C SER B 222 -14.37 19.52 22.89
N GLY B 223 -13.91 18.35 22.48
CA GLY B 223 -13.89 17.22 23.38
C GLY B 223 -12.80 17.34 24.42
N CYS B 224 -12.54 16.21 25.08
CA CYS B 224 -11.46 16.13 26.06
C CYS B 224 -10.20 15.62 25.37
N GLY B 225 -9.60 16.50 24.57
CA GLY B 225 -8.47 16.13 23.76
C GLY B 225 -7.25 15.71 24.57
N PHE B 226 -6.38 14.96 23.91
CA PHE B 226 -5.11 14.54 24.49
C PHE B 226 -4.01 15.01 23.54
N ASN B 227 -3.37 16.12 23.89
CA ASN B 227 -2.20 16.60 23.17
C ASN B 227 -0.98 16.47 24.06
N PRO B 228 0.07 15.74 23.64
CA PRO B 228 1.21 15.56 24.56
C PRO B 228 1.94 16.86 24.83
N TYR B 229 2.15 17.70 23.80
CA TYR B 229 2.77 19.00 24.03
C TYR B 229 2.00 19.78 25.10
N ALA B 230 0.68 19.89 24.94
CA ALA B 230 -0.12 20.62 25.90
C ALA B 230 -0.09 19.96 27.27
N ASN B 231 0.28 18.69 27.34
CA ASN B 231 0.39 17.98 28.59
C ASN B 231 1.78 18.05 29.20
N GLY B 232 2.69 18.85 28.63
CA GLY B 232 3.99 19.11 29.21
C GLY B 232 5.16 18.49 28.47
N PHE B 233 4.90 17.51 27.60
CA PHE B 233 5.96 16.76 26.93
C PHE B 233 6.17 17.38 25.53
N GLN B 234 6.89 18.50 25.51
CA GLN B 234 6.98 19.26 24.27
C GLN B 234 8.00 18.67 23.30
N ARG B 235 9.01 17.96 23.79
CA ARG B 235 9.98 17.28 22.94
C ARG B 235 9.71 15.79 22.82
N TYR B 236 8.42 15.41 22.87
CA TYR B 236 8.02 14.04 22.60
C TYR B 236 7.71 13.78 21.13
N TRP B 237 6.93 14.67 20.50
CA TRP B 237 6.41 14.46 19.15
C TRP B 237 7.00 15.50 18.21
N GLY B 238 7.73 15.05 17.20
CA GLY B 238 8.33 15.94 16.24
C GLY B 238 9.50 15.31 15.50
N PRO B 239 10.08 16.03 14.53
CA PRO B 239 11.23 15.49 13.79
C PRO B 239 12.44 15.28 14.70
N GLY B 240 12.91 14.03 14.75
CA GLY B 240 13.99 13.65 15.63
C GLY B 240 13.59 13.43 17.07
N PHE B 241 12.33 13.67 17.43
CA PHE B 241 11.90 13.61 18.81
C PHE B 241 11.72 12.14 19.23
N THR B 242 11.21 11.92 20.44
CA THR B 242 10.94 10.58 20.92
C THR B 242 10.14 9.77 19.89
N LEU B 243 9.03 10.35 19.40
CA LEU B 243 8.30 9.84 18.24
C LEU B 243 8.65 10.72 17.05
N ASP B 244 9.50 10.21 16.16
CA ASP B 244 10.04 10.96 15.03
C ASP B 244 9.00 11.11 13.92
N THR B 245 8.53 12.31 13.69
CA THR B 245 7.55 12.58 12.68
C THR B 245 8.10 12.76 11.30
N SER B 246 9.40 12.66 11.19
CA SER B 246 10.03 12.65 9.88
C SER B 246 10.10 11.24 9.26
N LYS B 247 9.85 10.20 10.04
CA LYS B 247 9.77 8.82 9.57
C LYS B 247 8.31 8.39 9.60
N VAL B 248 8.00 7.27 8.93
CA VAL B 248 6.67 6.69 9.05
C VAL B 248 6.54 6.11 10.45
N PHE B 249 5.31 6.08 10.98
CA PHE B 249 5.13 5.45 12.27
C PHE B 249 3.72 4.88 12.37
N THR B 250 3.48 4.15 13.46
CA THR B 250 2.30 3.31 13.68
C THR B 250 1.51 3.79 14.88
N ILE B 251 0.20 3.98 14.71
CA ILE B 251 -0.69 4.55 15.73
C ILE B 251 -1.72 3.50 16.11
N ILE B 252 -1.73 3.12 17.39
CA ILE B 252 -2.68 2.13 17.92
C ILE B 252 -3.59 2.79 18.95
N THR B 253 -4.90 2.74 18.71
CA THR B 253 -5.88 3.25 19.65
C THR B 253 -6.73 2.10 20.18
N GLN B 254 -6.79 2.00 21.50
CA GLN B 254 -7.43 0.87 22.17
C GLN B 254 -8.55 1.39 23.05
N PHE B 255 -9.74 0.84 22.87
CA PHE B 255 -10.93 1.35 23.54
C PHE B 255 -11.29 0.42 24.71
N ASN B 256 -10.81 0.80 25.90
CA ASN B 256 -10.86 -0.05 27.08
C ASN B 256 -12.22 0.06 27.75
N THR B 257 -12.77 -1.11 28.09
CA THR B 257 -14.14 -1.31 28.56
C THR B 257 -14.14 -1.98 29.93
N ASP B 258 -15.19 -1.71 30.71
CA ASP B 258 -15.29 -2.21 32.09
C ASP B 258 -15.18 -3.73 32.15
N ASN B 259 -15.96 -4.44 31.34
CA ASN B 259 -15.98 -5.90 31.35
C ASN B 259 -14.97 -6.51 30.37
N GLY B 260 -14.15 -5.70 29.70
CA GLY B 260 -13.16 -6.16 28.75
C GLY B 260 -13.69 -6.55 27.39
N LEU B 261 -14.99 -6.73 27.24
CA LEU B 261 -15.56 -7.17 25.98
C LEU B 261 -16.31 -6.02 25.32
N PRO B 262 -16.56 -6.11 24.00
CA PRO B 262 -17.32 -5.03 23.33
C PRO B 262 -18.70 -4.76 23.90
N SER B 263 -19.28 -5.66 24.69
CA SER B 263 -20.62 -5.43 25.22
C SER B 263 -20.67 -4.44 26.39
N GLY B 264 -19.56 -4.20 27.07
CA GLY B 264 -19.55 -3.40 28.28
C GLY B 264 -19.56 -1.90 28.07
N ASN B 265 -18.93 -1.18 28.99
CA ASN B 265 -18.92 0.28 28.98
C ASN B 265 -17.50 0.78 28.80
N LEU B 266 -17.29 1.72 27.88
CA LEU B 266 -15.95 2.23 27.63
C LEU B 266 -15.51 3.12 28.78
N VAL B 267 -14.37 2.79 29.40
CA VAL B 267 -13.87 3.56 30.53
C VAL B 267 -12.55 4.28 30.21
N SER B 268 -11.87 3.93 29.13
CA SER B 268 -10.66 4.69 28.83
C SER B 268 -10.32 4.51 27.36
N ILE B 269 -9.52 5.44 26.83
CA ILE B 269 -9.00 5.33 25.48
C ILE B 269 -7.48 5.44 25.55
N THR B 270 -6.79 4.36 25.23
CA THR B 270 -5.34 4.31 25.37
C THR B 270 -4.70 4.37 23.99
N ARG B 271 -3.71 5.24 23.84
CA ARG B 271 -2.94 5.40 22.61
C ARG B 271 -1.53 4.88 22.83
N LYS B 272 -1.05 4.04 21.90
CA LYS B 272 0.33 3.57 21.90
C LYS B 272 0.92 3.70 20.51
N TYR B 273 2.19 4.09 20.45
CA TYR B 273 2.89 4.30 19.19
C TYR B 273 3.94 3.23 18.97
N ARG B 274 4.23 2.95 17.70
CA ARG B 274 5.31 2.05 17.33
C ARG B 274 6.07 2.66 16.16
N GLN B 275 7.36 2.37 16.09
CA GLN B 275 8.22 2.98 15.10
C GLN B 275 9.60 2.33 15.23
N ASN B 276 10.35 2.34 14.14
CA ASN B 276 11.60 1.59 14.09
C ASN B 276 11.41 0.18 14.64
N GLY B 277 10.34 -0.49 14.34
CA GLY B 277 10.23 -1.83 14.87
C GLY B 277 10.19 -1.93 16.37
N VAL B 278 9.85 -0.88 17.03
CA VAL B 278 9.87 -0.93 18.49
C VAL B 278 8.72 -0.12 19.06
N ASP B 279 8.29 -0.52 20.27
CA ASP B 279 7.31 0.25 21.01
C ASP B 279 7.90 1.60 21.38
N VAL B 280 7.24 2.66 20.93
CA VAL B 280 7.61 4.01 21.38
C VAL B 280 7.03 4.21 22.77
N PRO B 281 7.83 4.67 23.74
CA PRO B 281 7.32 4.82 25.10
C PRO B 281 6.23 5.88 25.20
N SER B 282 5.38 5.73 26.22
CA SER B 282 4.35 6.72 26.47
C SER B 282 4.97 8.06 26.84
N ALA B 283 4.31 9.14 26.44
CA ALA B 283 4.70 10.46 26.94
C ALA B 283 4.60 10.51 28.47
N GLN B 284 3.41 10.22 28.99
CA GLN B 284 3.17 10.20 30.42
C GLN B 284 3.46 8.83 31.00
N SER B 285 3.90 8.80 32.25
CA SER B 285 4.06 7.54 32.95
C SER B 285 2.72 6.81 33.03
N GLY B 286 2.78 5.48 32.99
CA GLY B 286 1.54 4.72 33.07
C GLY B 286 0.57 4.97 31.94
N GLY B 287 1.06 5.28 30.75
CA GLY B 287 0.23 5.27 29.57
C GLY B 287 -0.32 6.60 29.11
N ASP B 288 -0.37 6.78 27.79
CA ASP B 288 -1.05 7.92 27.20
C ASP B 288 -2.52 7.51 27.08
N THR B 289 -3.23 7.67 28.19
CA THR B 289 -4.59 7.19 28.30
C THR B 289 -5.50 8.37 28.61
N ILE B 290 -6.74 8.27 28.14
CA ILE B 290 -7.82 9.18 28.49
C ILE B 290 -8.72 8.42 29.44
N SER B 291 -8.76 8.87 30.70
CA SER B 291 -9.69 8.40 31.71
C SER B 291 -10.80 9.41 31.90
N SER B 292 -10.43 10.59 32.40
CA SER B 292 -11.39 11.66 32.69
C SER B 292 -11.79 12.39 31.41
N CYS B 293 -13.07 12.70 31.28
CA CYS B 293 -13.58 13.51 30.18
C CYS B 293 -14.66 14.45 30.70
N PRO B 294 -14.27 15.53 31.38
CA PRO B 294 -15.29 16.41 31.98
C PRO B 294 -16.23 17.04 30.97
N SER B 295 -15.69 17.52 29.85
CA SER B 295 -16.51 18.22 28.84
C SER B 295 -17.67 17.35 28.38
N ALA B 296 -17.41 16.08 28.10
CA ALA B 296 -18.45 15.20 27.59
C ALA B 296 -19.48 14.82 28.65
N SER B 297 -19.26 15.16 29.93
CA SER B 297 -20.08 14.65 31.03
C SER B 297 -21.51 15.18 31.06
N ALA B 298 -21.83 16.21 30.27
CA ALA B 298 -23.20 16.66 30.08
C ALA B 298 -23.90 15.89 28.97
N TYR B 299 -23.21 14.93 28.35
CA TYR B 299 -23.70 14.18 27.20
C TYR B 299 -23.55 12.68 27.39
N GLY B 300 -23.46 12.21 28.64
CA GLY B 300 -23.19 10.80 28.93
C GLY B 300 -21.74 10.44 28.64
N GLY B 301 -20.81 11.35 28.95
CA GLY B 301 -19.53 11.37 28.26
C GLY B 301 -18.77 10.06 28.35
N LEU B 302 -18.12 9.70 27.24
CA LEU B 302 -17.23 8.55 27.15
C LEU B 302 -17.98 7.23 27.32
N THR B 303 -19.07 7.23 28.06
CA THR B 303 -19.98 6.09 28.00
C THR B 303 -20.74 6.13 26.69
N THR B 304 -21.24 7.31 26.31
CA THR B 304 -21.91 7.50 25.05
C THR B 304 -20.96 7.30 23.88
N MET B 305 -19.71 7.71 24.06
CA MET B 305 -18.71 7.42 23.04
C MET B 305 -18.60 5.93 22.85
N GLY B 306 -18.56 5.19 23.96
CA GLY B 306 -18.51 3.74 23.86
C GLY B 306 -19.73 3.13 23.23
N LYS B 307 -20.91 3.70 23.48
CA LYS B 307 -22.09 3.15 22.86
C LYS B 307 -22.06 3.37 21.35
N ALA B 308 -21.66 4.56 20.91
CA ALA B 308 -21.61 4.81 19.47
C ALA B 308 -20.51 4.00 18.82
N LEU B 309 -19.36 3.87 19.47
CA LEU B 309 -18.29 3.01 18.95
C LEU B 309 -18.77 1.58 18.84
N ALA B 310 -19.60 1.15 19.79
CA ALA B 310 -20.12 -0.20 19.74
C ALA B 310 -21.09 -0.37 18.58
N ASN B 311 -21.90 0.66 18.32
CA ASN B 311 -22.84 0.59 17.23
C ASN B 311 -22.13 0.44 15.90
N GLY B 312 -20.96 1.05 15.77
CA GLY B 312 -20.24 1.07 14.51
C GLY B 312 -20.32 2.42 13.87
N MET B 313 -19.16 2.97 13.50
CA MET B 313 -19.10 4.29 12.92
C MET B 313 -18.42 4.22 11.56
N VAL B 314 -18.55 5.32 10.84
CA VAL B 314 -17.96 5.46 9.50
C VAL B 314 -16.57 6.04 9.65
N LEU B 315 -15.60 5.44 8.95
CA LEU B 315 -14.21 5.85 9.05
C LEU B 315 -13.96 6.91 8.00
N VAL B 316 -13.40 8.05 8.43
CA VAL B 316 -13.25 9.26 7.63
C VAL B 316 -11.78 9.55 7.53
N PHE B 317 -11.35 9.97 6.34
CA PHE B 317 -10.01 10.44 6.12
C PHE B 317 -10.08 11.89 5.60
N SER B 318 -9.19 12.74 6.08
CA SER B 318 -9.29 14.15 5.70
C SER B 318 -7.94 14.85 5.79
N ILE B 319 -7.80 15.94 5.03
CA ILE B 319 -6.68 16.86 5.20
C ILE B 319 -7.21 18.25 4.89
N TRP B 320 -6.83 19.22 5.69
CA TRP B 320 -7.38 20.56 5.49
C TRP B 320 -6.51 21.58 6.20
N ASN B 321 -6.86 22.86 6.01
CA ASN B 321 -6.31 23.99 6.76
C ASN B 321 -7.40 25.06 6.82
N ASP B 322 -7.30 25.94 7.80
CA ASP B 322 -8.26 27.04 7.92
C ASP B 322 -7.56 28.38 7.83
N ASN B 323 -8.18 29.30 7.09
CA ASN B 323 -7.67 30.66 7.06
C ASN B 323 -8.03 31.44 8.31
N GLY B 324 -9.09 31.02 9.01
CA GLY B 324 -9.51 31.72 10.21
C GLY B 324 -8.53 31.51 11.37
N GLY B 325 -8.15 30.28 11.60
CA GLY B 325 -7.43 29.96 12.82
C GLY B 325 -6.01 29.49 12.70
N ASN B 326 -5.54 29.17 11.49
CA ASN B 326 -4.20 28.62 11.28
C ASN B 326 -4.00 27.28 12.00
N MET B 327 -5.08 26.61 12.38
CA MET B 327 -5.00 25.41 13.20
C MET B 327 -4.22 25.68 14.49
N ASN B 328 -4.27 26.92 14.95
CA ASN B 328 -3.53 27.27 16.15
C ASN B 328 -3.96 26.41 17.34
N TRP B 329 -5.23 25.96 17.35
CA TRP B 329 -5.69 25.13 18.45
C TRP B 329 -4.90 23.81 18.51
N LEU B 330 -4.31 23.40 17.39
CA LEU B 330 -3.62 22.12 17.33
C LEU B 330 -2.11 22.23 17.53
N ASP B 331 -1.45 23.22 16.91
CA ASP B 331 0.02 23.24 16.88
C ASP B 331 0.64 24.52 17.41
N SER B 332 -0.14 25.41 18.02
CA SER B 332 0.41 26.68 18.49
C SER B 332 -0.02 26.94 19.92
N GLY B 333 0.73 27.84 20.56
CA GLY B 333 0.36 28.26 21.90
C GLY B 333 0.61 27.14 22.89
N ASN B 334 -0.40 26.87 23.70
CA ASN B 334 -0.24 25.75 24.63
C ASN B 334 -0.40 24.40 23.95
N ALA B 335 -0.66 24.34 22.64
CA ALA B 335 -0.82 23.08 21.93
C ALA B 335 0.37 22.65 21.07
N GLY B 336 1.34 23.53 20.81
CA GLY B 336 2.46 23.14 19.97
C GLY B 336 3.50 24.22 19.79
N PRO B 337 4.56 23.91 19.04
CA PRO B 337 5.69 24.84 18.92
C PRO B 337 5.60 25.85 17.78
N CYS B 338 4.47 25.94 17.08
CA CYS B 338 4.40 26.84 15.94
C CYS B 338 3.87 28.22 16.33
N SER B 339 4.34 29.23 15.61
CA SER B 339 3.84 30.58 15.82
C SER B 339 2.40 30.72 15.33
N SER B 340 1.71 31.75 15.82
CA SER B 340 0.33 32.03 15.43
C SER B 340 0.21 32.31 13.93
N THR B 341 1.27 32.88 13.35
CA THR B 341 1.35 33.32 11.95
C THR B 341 1.67 32.18 11.00
N GLU B 342 2.56 31.29 11.45
CA GLU B 342 3.17 30.25 10.62
C GLU B 342 2.14 29.36 9.94
N GLY B 343 1.03 29.07 10.62
CA GLY B 343 0.03 28.15 10.14
C GLY B 343 -0.89 28.63 9.05
N ASN B 344 -0.63 29.79 8.45
CA ASN B 344 -1.57 30.36 7.48
C ASN B 344 -1.55 29.54 6.20
N PRO B 345 -2.71 29.19 5.64
CA PRO B 345 -2.71 28.50 4.34
C PRO B 345 -1.87 29.17 3.27
N SER B 346 -1.87 30.51 3.21
CA SER B 346 -0.98 31.22 2.29
C SER B 346 0.47 30.79 2.45
N THR B 347 0.97 30.82 3.68
CA THR B 347 2.33 30.41 3.93
C THR B 347 2.56 28.95 3.54
N ILE B 348 1.54 28.09 3.75
CA ILE B 348 1.69 26.66 3.43
C ILE B 348 1.85 26.46 1.93
N VAL B 349 0.84 26.85 1.15
CA VAL B 349 0.89 26.69 -0.30
C VAL B 349 2.09 27.42 -0.91
N ALA B 350 2.61 28.45 -0.23
CA ALA B 350 3.84 29.06 -0.68
C ALA B 350 5.04 28.15 -0.43
N ASN B 351 5.19 27.65 0.81
CA ASN B 351 6.37 26.88 1.22
C ASN B 351 6.22 25.37 1.06
N ASN B 352 5.04 24.82 1.35
CA ASN B 352 4.80 23.37 1.33
C ASN B 352 3.60 23.03 0.46
N PRO B 353 3.66 23.34 -0.83
CA PRO B 353 2.59 22.89 -1.72
C PRO B 353 2.73 21.38 -1.90
N GLY B 354 1.62 20.73 -2.18
CA GLY B 354 1.69 19.28 -2.23
C GLY B 354 2.15 18.65 -0.94
N THR B 355 1.97 19.35 0.18
CA THR B 355 1.98 18.71 1.49
C THR B 355 0.92 17.61 1.52
N HIS B 356 1.26 16.46 2.08
CA HIS B 356 0.36 15.32 1.93
C HIS B 356 0.42 14.39 3.14
N VAL B 357 -0.63 13.60 3.30
CA VAL B 357 -0.77 12.62 4.38
C VAL B 357 -0.84 11.25 3.74
N ILE B 358 -0.10 10.27 4.27
CA ILE B 358 -0.19 8.91 3.73
C ILE B 358 -0.63 7.96 4.84
N PHE B 359 -1.86 7.46 4.74
CA PHE B 359 -2.36 6.46 5.67
C PHE B 359 -2.18 5.08 5.08
N SER B 360 -1.82 4.10 5.90
CA SER B 360 -1.68 2.75 5.36
C SER B 360 -1.96 1.70 6.43
N ASN B 361 -2.18 0.51 6.01
CA ASN B 361 -2.39 -0.58 6.90
C ASN B 361 -3.38 -0.42 7.98
N ILE B 362 -4.53 0.10 7.62
CA ILE B 362 -5.61 0.20 8.59
C ILE B 362 -6.05 -1.20 8.95
N ARG B 363 -6.04 -1.49 10.25
CA ARG B 363 -6.58 -2.75 10.76
C ARG B 363 -7.36 -2.44 12.03
N TRP B 364 -8.42 -3.20 12.25
CA TRP B 364 -9.15 -3.06 13.50
C TRP B 364 -9.61 -4.42 13.99
N GLY B 365 -9.76 -4.56 15.31
CA GLY B 365 -10.24 -5.82 15.84
C GLY B 365 -9.90 -5.95 17.31
N ASP B 366 -9.68 -7.21 17.73
CA ASP B 366 -9.33 -7.51 19.12
C ASP B 366 -8.11 -6.73 19.56
N ILE B 367 -8.11 -6.34 20.84
CA ILE B 367 -7.01 -5.55 21.37
C ILE B 367 -5.78 -6.42 21.40
N GLY B 368 -4.68 -5.91 20.85
CA GLY B 368 -3.43 -6.65 20.70
C GLY B 368 -3.31 -7.45 19.42
N SER B 369 -4.36 -7.55 18.60
CA SER B 369 -4.35 -8.47 17.47
C SER B 369 -4.14 -7.78 16.14
N THR B 370 -3.80 -6.50 16.12
CA THR B 370 -3.73 -5.78 14.86
C THR B 370 -2.33 -5.27 14.49
N THR B 371 -1.29 -5.61 15.27
CA THR B 371 0.00 -4.93 15.16
C THR B 371 1.16 -5.82 14.75
N GLY B 372 1.30 -7.00 15.35
CA GLY B 372 2.50 -7.77 15.08
C GLY B 372 3.43 -7.82 16.28
N GLY B 373 3.86 -9.02 16.68
CA GLY B 373 4.67 -9.17 17.88
C GLY B 373 5.99 -8.40 17.88
#